data_1TFS
#
_entry.id   1TFS
#
_cell.length_a   1.000
_cell.length_b   1.000
_cell.length_c   1.000
_cell.angle_alpha   90.00
_cell.angle_beta   90.00
_cell.angle_gamma   90.00
#
_symmetry.space_group_name_H-M   'P 1'
#
_entity_poly.entity_id   1
_entity_poly.type   'polypeptide(L)'
_entity_poly.pdbx_seq_one_letter_code
;RICYSHKASLPRATKTCVENTCYKMFIRTHREYISERGCGCPTAMWPYQTECCKGDRCNK
;
_entity_poly.pdbx_strand_id   A
#
# COMPACT_ATOMS: atom_id res chain seq x y z
N ARG A 1 -7.76 -10.46 -6.24
CA ARG A 1 -7.77 -9.49 -5.13
C ARG A 1 -7.61 -8.07 -5.70
N ILE A 2 -8.61 -7.21 -5.56
CA ILE A 2 -8.56 -5.81 -5.98
C ILE A 2 -7.98 -5.03 -4.80
N CYS A 3 -6.91 -4.27 -5.01
CA CYS A 3 -6.29 -3.51 -3.92
C CYS A 3 -5.69 -2.22 -4.47
N TYR A 4 -5.27 -1.33 -3.57
CA TYR A 4 -4.72 -0.06 -3.96
C TYR A 4 -3.26 -0.21 -4.36
N SER A 5 -2.80 0.65 -5.27
CA SER A 5 -1.41 0.66 -5.73
C SER A 5 -0.89 2.10 -5.76
N HIS A 6 -1.01 2.74 -6.93
CA HIS A 6 -0.59 4.09 -7.30
C HIS A 6 0.77 4.50 -6.73
N LYS A 7 1.78 4.56 -7.60
CA LYS A 7 3.13 4.96 -7.20
C LYS A 7 3.16 6.45 -6.84
N ALA A 8 2.26 7.25 -7.42
CA ALA A 8 2.14 8.67 -7.12
C ALA A 8 1.39 8.77 -5.80
N SER A 9 2.12 9.02 -4.70
CA SER A 9 1.59 9.03 -3.35
C SER A 9 0.83 10.32 -2.99
N LEU A 10 -0.16 10.64 -3.82
CA LEU A 10 -1.05 11.79 -3.65
C LEU A 10 -2.43 11.40 -4.21
N PRO A 11 -2.59 11.18 -5.52
CA PRO A 11 -3.83 10.67 -6.07
C PRO A 11 -3.98 9.20 -5.65
N ARG A 12 -5.09 8.57 -6.00
CA ARG A 12 -5.35 7.17 -5.66
C ARG A 12 -5.85 6.42 -6.88
N ALA A 13 -5.53 5.12 -6.93
CA ALA A 13 -5.92 4.17 -7.97
C ALA A 13 -5.71 2.78 -7.41
N THR A 14 -6.45 1.81 -7.96
CA THR A 14 -6.46 0.41 -7.55
C THR A 14 -6.20 -0.50 -8.75
N LYS A 15 -5.72 -1.72 -8.48
CA LYS A 15 -5.50 -2.73 -9.51
C LYS A 15 -5.82 -4.11 -8.94
N THR A 16 -6.04 -5.07 -9.85
CA THR A 16 -6.27 -6.46 -9.48
C THR A 16 -4.90 -7.14 -9.33
N CYS A 17 -4.82 -8.08 -8.40
CA CYS A 17 -3.62 -8.83 -8.06
C CYS A 17 -4.04 -10.25 -7.65
N VAL A 18 -3.10 -11.19 -7.77
CA VAL A 18 -3.30 -12.58 -7.43
C VAL A 18 -3.18 -12.77 -5.90
N GLU A 19 -2.26 -12.03 -5.27
CA GLU A 19 -2.00 -12.15 -3.84
C GLU A 19 -3.27 -12.06 -3.00
N ASN A 20 -3.29 -12.86 -1.94
CA ASN A 20 -4.34 -12.85 -0.95
C ASN A 20 -4.20 -11.59 -0.07
N THR A 21 -2.97 -11.09 0.04
CA THR A 21 -2.62 -9.96 0.89
C THR A 21 -2.30 -8.73 0.06
N CYS A 22 -2.29 -7.55 0.70
CA CYS A 22 -1.92 -6.29 0.10
C CYS A 22 -1.24 -5.47 1.18
N TYR A 23 -0.41 -4.50 0.79
CA TYR A 23 0.21 -3.57 1.73
C TYR A 23 -0.20 -2.14 1.46
N LYS A 24 -0.04 -1.35 2.51
CA LYS A 24 -0.21 0.08 2.54
C LYS A 24 1.11 0.65 3.08
N MET A 25 1.57 1.76 2.48
CA MET A 25 2.86 2.38 2.73
C MET A 25 2.69 3.82 3.21
N PHE A 26 3.40 4.18 4.28
CA PHE A 26 3.38 5.50 4.89
C PHE A 26 4.81 5.98 5.09
N ILE A 27 5.03 7.29 5.19
CA ILE A 27 6.36 7.79 5.52
C ILE A 27 6.58 7.47 6.99
N ARG A 28 7.73 6.93 7.35
CA ARG A 28 8.05 6.49 8.70
C ARG A 28 7.69 7.52 9.76
N THR A 29 8.16 8.75 9.56
CA THR A 29 7.93 9.88 10.45
C THR A 29 6.47 10.34 10.48
N HIS A 30 5.63 9.90 9.53
CA HIS A 30 4.26 10.34 9.40
C HIS A 30 3.33 9.13 9.23
N ARG A 31 3.14 8.38 10.32
CA ARG A 31 2.26 7.22 10.34
C ARG A 31 0.88 7.58 9.79
N GLU A 32 0.33 8.70 10.24
CA GLU A 32 -0.99 9.19 9.85
C GLU A 32 -0.99 9.82 8.45
N TYR A 33 -0.40 9.12 7.48
CA TYR A 33 -0.33 9.50 6.09
C TYR A 33 -0.05 8.24 5.28
N ILE A 34 -1.11 7.53 4.89
CA ILE A 34 -0.95 6.34 4.07
C ILE A 34 -0.71 6.92 2.68
N SER A 35 0.57 6.94 2.34
CA SER A 35 1.16 7.62 1.21
C SER A 35 0.99 6.85 -0.09
N GLU A 36 1.48 5.62 -0.14
CA GLU A 36 1.48 4.77 -1.32
C GLU A 36 0.89 3.42 -0.92
N ARG A 37 0.60 2.54 -1.87
CA ARG A 37 0.04 1.22 -1.58
C ARG A 37 0.58 0.19 -2.57
N GLY A 38 0.35 -1.09 -2.31
CA GLY A 38 0.81 -2.16 -3.18
C GLY A 38 0.18 -3.49 -2.81
N CYS A 39 0.46 -4.53 -3.59
CA CYS A 39 -0.10 -5.86 -3.41
C CYS A 39 0.87 -6.75 -2.64
N GLY A 40 0.36 -7.79 -1.98
CA GLY A 40 1.13 -8.69 -1.15
C GLY A 40 1.44 -8.09 0.21
N CYS A 41 2.72 -7.82 0.47
CA CYS A 41 3.35 -7.35 1.69
C CYS A 41 4.64 -6.62 1.20
N PRO A 42 5.33 -5.79 2.01
CA PRO A 42 6.42 -4.88 1.69
C PRO A 42 7.23 -4.96 0.39
N THR A 43 7.63 -3.75 0.03
CA THR A 43 8.49 -3.24 -1.02
C THR A 43 8.37 -1.74 -0.81
N ALA A 44 9.50 -1.05 -0.69
CA ALA A 44 9.55 0.38 -0.37
C ALA A 44 11.01 0.82 -0.30
N MET A 45 11.22 2.13 -0.24
CA MET A 45 12.50 2.79 -0.12
C MET A 45 12.40 3.80 1.03
N TRP A 46 13.46 3.94 1.82
CA TRP A 46 13.46 4.91 2.92
C TRP A 46 13.17 6.31 2.35
N PRO A 47 12.38 7.16 3.02
CA PRO A 47 11.83 7.02 4.37
C PRO A 47 10.47 6.31 4.44
N TYR A 48 10.04 5.56 3.42
CA TYR A 48 8.77 4.86 3.51
C TYR A 48 8.88 3.60 4.37
N GLN A 49 7.76 3.23 5.00
CA GLN A 49 7.58 2.03 5.79
C GLN A 49 6.20 1.47 5.43
N THR A 50 6.12 0.16 5.23
CA THR A 50 4.95 -0.59 4.82
C THR A 50 4.32 -1.41 5.96
N GLU A 51 3.01 -1.67 5.84
CA GLU A 51 2.26 -2.58 6.71
C GLU A 51 1.30 -3.37 5.82
N CYS A 52 1.10 -4.66 6.11
CA CYS A 52 0.32 -5.58 5.28
C CYS A 52 -1.09 -5.80 5.83
N CYS A 53 -1.96 -6.36 5.00
CA CYS A 53 -3.34 -6.72 5.31
C CYS A 53 -3.82 -7.74 4.28
N LYS A 54 -5.05 -8.24 4.45
CA LYS A 54 -5.72 -9.16 3.57
C LYS A 54 -7.15 -8.64 3.36
N GLY A 55 -7.72 -8.89 2.18
CA GLY A 55 -9.06 -8.46 1.82
C GLY A 55 -9.02 -7.39 0.74
N ASP A 56 -10.04 -7.38 -0.12
CA ASP A 56 -10.14 -6.42 -1.21
C ASP A 56 -10.12 -5.02 -0.64
N ARG A 57 -9.28 -4.16 -1.21
CA ARG A 57 -9.03 -2.80 -0.79
C ARG A 57 -8.80 -2.65 0.72
N CYS A 58 -8.24 -3.68 1.38
CA CYS A 58 -7.91 -3.59 2.79
C CYS A 58 -6.82 -2.54 3.00
N ASN A 59 -5.93 -2.40 2.01
CA ASN A 59 -4.82 -1.48 2.04
C ASN A 59 -5.28 -0.07 1.68
N LYS A 60 -6.23 0.47 2.44
CA LYS A 60 -6.71 1.82 2.25
C LYS A 60 -5.66 2.82 2.78
N ARG A 1 -5.54 -10.05 -5.53
CA ARG A 1 -6.94 -9.70 -5.22
C ARG A 1 -7.17 -8.20 -5.48
N ILE A 2 -8.34 -7.68 -5.12
CA ILE A 2 -8.74 -6.29 -5.31
C ILE A 2 -8.08 -5.42 -4.25
N CYS A 3 -7.25 -4.45 -4.64
CA CYS A 3 -6.61 -3.55 -3.68
C CYS A 3 -6.28 -2.22 -4.36
N TYR A 4 -5.90 -1.24 -3.53
CA TYR A 4 -5.47 0.06 -3.99
C TYR A 4 -4.02 -0.05 -4.44
N SER A 5 -3.64 0.71 -5.47
CA SER A 5 -2.28 0.67 -6.00
C SER A 5 -1.92 1.98 -6.68
N HIS A 6 -0.75 2.55 -6.36
CA HIS A 6 -0.22 3.75 -7.01
C HIS A 6 1.19 4.00 -6.50
N LYS A 7 1.85 5.00 -7.08
CA LYS A 7 3.19 5.42 -6.71
C LYS A 7 3.32 6.92 -6.97
N ALA A 8 4.21 7.58 -6.25
CA ALA A 8 4.49 9.01 -6.36
C ALA A 8 3.20 9.84 -6.15
N SER A 9 3.23 11.11 -6.55
CA SER A 9 2.14 12.05 -6.37
C SER A 9 1.04 11.86 -7.43
N LEU A 10 0.53 10.63 -7.55
CA LEU A 10 -0.54 10.26 -8.44
C LEU A 10 -1.80 10.02 -7.60
N PRO A 11 -3.01 10.15 -8.17
CA PRO A 11 -4.23 9.84 -7.44
C PRO A 11 -4.22 8.34 -7.13
N ARG A 12 -4.63 7.95 -5.93
CA ARG A 12 -4.61 6.54 -5.55
C ARG A 12 -5.61 5.75 -6.40
N ALA A 13 -5.09 4.89 -7.28
CA ALA A 13 -5.90 4.06 -8.15
C ALA A 13 -6.20 2.73 -7.44
N THR A 14 -7.08 1.91 -8.03
CA THR A 14 -7.48 0.64 -7.49
C THR A 14 -7.51 -0.39 -8.60
N LYS A 15 -7.07 -1.63 -8.33
CA LYS A 15 -7.05 -2.65 -9.38
C LYS A 15 -7.14 -4.06 -8.81
N THR A 16 -7.45 -4.99 -9.71
CA THR A 16 -7.53 -6.42 -9.47
C THR A 16 -6.13 -7.00 -9.66
N CYS A 17 -5.33 -7.02 -8.58
CA CYS A 17 -4.01 -7.62 -8.64
C CYS A 17 -4.17 -9.13 -8.52
N VAL A 18 -3.14 -9.90 -8.78
CA VAL A 18 -3.22 -11.34 -8.60
C VAL A 18 -3.06 -11.62 -7.10
N GLU A 19 -1.92 -11.20 -6.57
CA GLU A 19 -1.43 -11.37 -5.20
C GLU A 19 -2.52 -11.38 -4.14
N ASN A 20 -2.44 -12.38 -3.27
CA ASN A 20 -3.35 -12.55 -2.15
C ASN A 20 -3.16 -11.44 -1.12
N THR A 21 -1.95 -10.86 -1.06
CA THR A 21 -1.57 -9.87 -0.07
C THR A 21 -1.46 -8.50 -0.72
N CYS A 22 -1.64 -7.45 0.08
CA CYS A 22 -1.52 -6.06 -0.36
C CYS A 22 -0.96 -5.25 0.79
N TYR A 23 -0.69 -3.96 0.54
CA TYR A 23 -0.12 -3.07 1.53
C TYR A 23 -0.56 -1.64 1.34
N LYS A 24 -0.29 -0.88 2.40
CA LYS A 24 -0.37 0.56 2.43
C LYS A 24 0.95 1.03 3.03
N MET A 25 1.59 1.94 2.31
CA MET A 25 2.89 2.49 2.64
C MET A 25 2.70 3.86 3.29
N PHE A 26 3.19 4.00 4.52
CA PHE A 26 3.15 5.22 5.30
C PHE A 26 4.59 5.63 5.62
N ILE A 27 4.79 6.89 6.00
CA ILE A 27 6.14 7.38 6.29
C ILE A 27 6.59 6.81 7.64
N ARG A 28 7.89 6.50 7.76
CA ARG A 28 8.47 5.92 8.96
C ARG A 28 8.36 6.89 10.13
N THR A 29 9.01 8.04 9.98
CA THR A 29 9.04 9.09 10.98
C THR A 29 7.62 9.57 11.26
N HIS A 30 6.97 10.07 10.22
CA HIS A 30 5.62 10.60 10.26
C HIS A 30 4.65 9.43 10.13
N ARG A 31 4.62 8.60 11.18
CA ARG A 31 3.78 7.42 11.27
C ARG A 31 2.37 7.69 10.76
N GLU A 32 1.77 8.77 11.24
CA GLU A 32 0.42 9.18 10.88
C GLU A 32 0.44 9.93 9.55
N TYR A 33 0.97 9.31 8.49
CA TYR A 33 1.03 9.91 7.17
C TYR A 33 1.15 8.81 6.11
N ILE A 34 0.09 8.61 5.33
CA ILE A 34 0.06 7.63 4.25
C ILE A 34 0.79 8.25 3.05
N SER A 35 1.49 7.44 2.26
CA SER A 35 2.25 7.88 1.10
C SER A 35 1.80 7.15 -0.15
N GLU A 36 1.93 5.83 -0.14
CA GLU A 36 1.62 4.97 -1.29
C GLU A 36 0.79 3.76 -0.87
N ARG A 37 0.33 2.99 -1.86
CA ARG A 37 -0.38 1.73 -1.67
C ARG A 37 0.01 0.78 -2.79
N GLY A 38 -0.13 -0.53 -2.54
CA GLY A 38 0.17 -1.49 -3.58
C GLY A 38 -0.20 -2.92 -3.19
N CYS A 39 0.21 -3.86 -4.04
CA CYS A 39 -0.08 -5.28 -3.95
C CYS A 39 1.18 -6.09 -3.69
N GLY A 40 1.02 -7.31 -3.16
CA GLY A 40 2.08 -8.25 -2.86
C GLY A 40 3.18 -7.69 -1.98
N CYS A 41 2.73 -7.52 -0.76
CA CYS A 41 3.42 -7.04 0.45
C CYS A 41 4.95 -7.05 0.36
N PRO A 42 5.58 -5.93 -0.04
CA PRO A 42 7.03 -5.80 -0.13
C PRO A 42 7.59 -4.99 1.03
N THR A 43 8.92 -5.03 1.13
CA THR A 43 9.67 -4.25 2.10
C THR A 43 9.66 -2.79 1.66
N ALA A 44 9.44 -1.87 2.59
CA ALA A 44 9.42 -0.45 2.28
C ALA A 44 10.85 0.08 2.15
N MET A 45 11.05 1.03 1.24
CA MET A 45 12.31 1.71 1.08
C MET A 45 12.40 2.76 2.20
N TRP A 46 13.62 3.20 2.54
CA TRP A 46 13.75 4.21 3.59
C TRP A 46 13.28 5.56 3.01
N PRO A 47 12.61 6.44 3.77
CA PRO A 47 12.17 6.32 5.16
C PRO A 47 10.68 6.00 5.23
N TYR A 48 10.24 4.88 4.64
CA TYR A 48 8.83 4.47 4.64
C TYR A 48 8.68 3.15 5.39
N GLN A 49 7.43 2.80 5.69
CA GLN A 49 7.02 1.57 6.33
C GLN A 49 5.77 1.06 5.62
N THR A 50 5.78 -0.20 5.21
CA THR A 50 4.65 -0.88 4.60
C THR A 50 3.91 -1.70 5.67
N GLU A 51 2.63 -1.42 5.88
CA GLU A 51 1.78 -2.26 6.72
C GLU A 51 0.93 -3.04 5.71
N CYS A 52 0.97 -4.36 5.82
CA CYS A 52 0.39 -5.29 4.87
C CYS A 52 -0.91 -5.90 5.37
N CYS A 53 -1.63 -6.55 4.45
CA CYS A 53 -2.90 -7.20 4.69
C CYS A 53 -3.14 -8.28 3.63
N LYS A 54 -4.24 -9.02 3.77
CA LYS A 54 -4.70 -10.02 2.85
C LYS A 54 -6.24 -9.95 2.80
N GLY A 55 -6.80 -8.80 2.40
CA GLY A 55 -8.24 -8.62 2.32
C GLY A 55 -8.62 -7.71 1.16
N ASP A 56 -9.78 -8.01 0.57
CA ASP A 56 -10.32 -7.23 -0.55
C ASP A 56 -10.44 -5.79 -0.09
N ARG A 57 -10.00 -4.89 -0.97
CA ARG A 57 -9.92 -3.46 -0.74
C ARG A 57 -9.54 -3.11 0.72
N CYS A 58 -8.63 -3.87 1.37
CA CYS A 58 -8.27 -3.58 2.75
C CYS A 58 -7.71 -2.16 2.89
N ASN A 59 -6.89 -1.75 1.92
CA ASN A 59 -6.24 -0.46 1.89
C ASN A 59 -7.21 0.54 1.30
N LYS A 60 -8.29 0.79 2.05
CA LYS A 60 -9.39 1.68 1.70
C LYS A 60 -8.92 3.13 1.51
N ARG A 1 -4.81 -9.89 -5.55
CA ARG A 1 -6.04 -9.20 -5.14
C ARG A 1 -6.09 -7.84 -5.85
N ILE A 2 -7.28 -7.25 -6.02
CA ILE A 2 -7.43 -5.91 -6.58
C ILE A 2 -7.12 -4.96 -5.43
N CYS A 3 -6.18 -4.03 -5.64
CA CYS A 3 -5.74 -3.13 -4.58
C CYS A 3 -5.38 -1.77 -5.17
N TYR A 4 -5.05 -0.82 -4.29
CA TYR A 4 -4.72 0.54 -4.66
C TYR A 4 -3.25 0.70 -5.01
N SER A 5 -2.94 1.77 -5.74
CA SER A 5 -1.59 2.14 -6.16
C SER A 5 -1.48 3.67 -6.28
N HIS A 6 -2.16 4.41 -5.40
CA HIS A 6 -2.18 5.86 -5.37
C HIS A 6 -1.30 6.40 -4.24
N LYS A 7 -0.73 7.58 -4.45
CA LYS A 7 0.20 8.24 -3.54
C LYS A 7 -0.45 8.92 -2.32
N ALA A 8 -1.73 8.66 -2.06
CA ALA A 8 -2.50 9.22 -0.97
C ALA A 8 -3.81 8.43 -0.92
N SER A 9 -4.56 8.48 0.18
CA SER A 9 -5.78 7.72 0.33
C SER A 9 -6.90 8.43 -0.42
N LEU A 10 -6.88 8.34 -1.75
CA LEU A 10 -7.85 8.96 -2.65
C LEU A 10 -8.03 8.01 -3.84
N PRO A 11 -9.06 7.15 -3.83
CA PRO A 11 -9.32 6.17 -4.87
C PRO A 11 -9.14 6.71 -6.29
N ARG A 12 -8.13 6.18 -6.98
CA ARG A 12 -7.73 6.53 -8.34
C ARG A 12 -6.93 5.35 -8.91
N ALA A 13 -5.60 5.42 -8.84
CA ALA A 13 -4.72 4.38 -9.35
C ALA A 13 -4.88 3.10 -8.53
N THR A 14 -5.04 1.97 -9.23
CA THR A 14 -5.25 0.65 -8.66
C THR A 14 -4.42 -0.37 -9.45
N LYS A 15 -4.30 -1.59 -8.91
CA LYS A 15 -3.58 -2.70 -9.52
C LYS A 15 -4.28 -4.01 -9.21
N THR A 16 -4.22 -4.97 -10.13
CA THR A 16 -4.76 -6.31 -9.97
C THR A 16 -3.58 -7.24 -9.72
N CYS A 17 -3.17 -7.39 -8.46
CA CYS A 17 -2.05 -8.28 -8.14
C CYS A 17 -2.57 -9.69 -7.95
N VAL A 18 -1.67 -10.64 -7.69
CA VAL A 18 -2.01 -12.03 -7.41
C VAL A 18 -2.35 -12.14 -5.92
N GLU A 19 -1.37 -11.82 -5.06
CA GLU A 19 -1.44 -11.98 -3.62
C GLU A 19 -2.78 -11.59 -3.00
N ASN A 20 -3.12 -12.32 -1.94
CA ASN A 20 -4.31 -12.06 -1.14
C ASN A 20 -4.10 -10.80 -0.31
N THR A 21 -2.84 -10.45 -0.02
CA THR A 21 -2.50 -9.32 0.81
C THR A 21 -1.99 -8.18 -0.07
N CYS A 22 -1.98 -6.98 0.48
CA CYS A 22 -1.42 -5.77 -0.11
C CYS A 22 -0.86 -4.98 1.06
N TYR A 23 -0.16 -3.90 0.78
CA TYR A 23 0.35 -3.04 1.82
C TYR A 23 0.20 -1.60 1.39
N LYS A 24 0.28 -0.75 2.40
CA LYS A 24 0.28 0.68 2.31
C LYS A 24 1.63 1.13 2.85
N MET A 25 2.36 1.89 2.03
CA MET A 25 3.69 2.36 2.31
C MET A 25 3.68 3.84 2.69
N PHE A 26 4.46 4.20 3.70
CA PHE A 26 4.62 5.53 4.25
C PHE A 26 6.10 5.82 4.45
N ILE A 27 6.51 7.07 4.34
CA ILE A 27 7.88 7.41 4.69
C ILE A 27 7.98 7.15 6.19
N ARG A 28 9.03 6.48 6.64
CA ARG A 28 9.18 6.01 8.01
C ARG A 28 8.97 7.11 9.05
N THR A 29 9.37 8.34 8.73
CA THR A 29 9.13 9.48 9.60
C THR A 29 7.63 9.77 9.60
N HIS A 30 7.12 10.17 8.43
CA HIS A 30 5.76 10.58 8.17
C HIS A 30 4.80 9.40 8.10
N ARG A 31 4.76 8.61 9.18
CA ARG A 31 3.90 7.46 9.33
C ARG A 31 2.44 7.80 9.06
N GLU A 32 2.03 9.04 9.35
CA GLU A 32 0.68 9.53 9.18
C GLU A 32 0.33 9.90 7.73
N TYR A 33 1.24 9.61 6.80
CA TYR A 33 1.10 9.87 5.38
C TYR A 33 1.40 8.59 4.60
N ILE A 34 0.34 7.92 4.12
CA ILE A 34 0.49 6.73 3.31
C ILE A 34 0.88 7.26 1.92
N SER A 35 2.17 7.18 1.67
CA SER A 35 2.88 7.78 0.55
C SER A 35 2.73 6.99 -0.74
N GLU A 36 2.48 5.68 -0.66
CA GLU A 36 2.24 4.82 -1.81
C GLU A 36 1.68 3.50 -1.32
N ARG A 37 1.44 2.56 -2.22
CA ARG A 37 0.91 1.25 -1.91
C ARG A 37 1.69 0.17 -2.66
N GLY A 38 1.49 -1.07 -2.25
CA GLY A 38 2.12 -2.22 -2.88
C GLY A 38 1.34 -3.51 -2.63
N CYS A 39 1.85 -4.61 -3.20
CA CYS A 39 1.24 -5.93 -3.20
C CYS A 39 1.85 -6.84 -2.14
N GLY A 40 1.08 -7.79 -1.60
CA GLY A 40 1.41 -8.78 -0.58
C GLY A 40 2.63 -8.48 0.30
N CYS A 41 2.33 -7.89 1.48
CA CYS A 41 3.11 -7.52 2.65
C CYS A 41 4.65 -7.41 2.45
N PRO A 42 5.21 -6.24 2.80
CA PRO A 42 6.57 -5.72 2.57
C PRO A 42 7.30 -6.00 1.27
N THR A 43 8.29 -5.11 1.06
CA THR A 43 9.26 -5.00 -0.03
C THR A 43 10.24 -3.91 0.38
N ALA A 44 9.58 -2.80 0.66
CA ALA A 44 10.02 -1.50 1.12
C ALA A 44 11.10 -1.60 2.21
N MET A 45 12.04 -0.66 2.19
CA MET A 45 13.13 -0.53 3.11
C MET A 45 13.28 0.96 3.45
N TRP A 46 14.19 1.29 4.38
CA TRP A 46 14.49 2.66 4.77
C TRP A 46 14.75 3.49 3.51
N PRO A 47 14.27 4.74 3.38
CA PRO A 47 13.57 5.54 4.38
C PRO A 47 12.06 5.27 4.48
N TYR A 48 11.53 4.21 3.86
CA TYR A 48 10.12 3.89 3.92
C TYR A 48 9.83 2.79 4.93
N GLN A 49 8.55 2.66 5.26
CA GLN A 49 8.02 1.55 6.00
C GLN A 49 6.61 1.30 5.49
N THR A 50 6.20 0.07 5.66
CA THR A 50 4.95 -0.50 5.19
C THR A 50 4.08 -1.10 6.30
N GLU A 51 2.76 -1.03 6.10
CA GLU A 51 1.76 -1.69 6.93
C GLU A 51 0.88 -2.51 5.97
N CYS A 52 0.61 -3.78 6.31
CA CYS A 52 -0.08 -4.72 5.43
C CYS A 52 -1.59 -4.77 5.70
N CYS A 53 -2.33 -5.36 4.76
CA CYS A 53 -3.75 -5.63 4.86
C CYS A 53 -4.11 -6.72 3.86
N LYS A 54 -5.32 -7.28 3.99
CA LYS A 54 -5.88 -8.28 3.11
C LYS A 54 -7.28 -7.82 2.72
N GLY A 55 -7.72 -8.14 1.50
CA GLY A 55 -9.05 -7.78 1.01
C GLY A 55 -8.98 -6.82 -0.17
N ASP A 56 -9.99 -6.89 -1.04
CA ASP A 56 -10.10 -6.04 -2.21
C ASP A 56 -10.09 -4.58 -1.76
N ARG A 57 -9.16 -3.79 -2.32
CA ARG A 57 -9.01 -2.37 -2.02
C ARG A 57 -8.77 -2.12 -0.52
N CYS A 58 -8.23 -3.10 0.23
CA CYS A 58 -7.98 -2.90 1.66
C CYS A 58 -6.96 -1.80 1.93
N ASN A 59 -5.97 -1.65 1.04
CA ASN A 59 -4.85 -0.74 1.21
C ASN A 59 -5.22 0.70 0.84
N LYS A 60 -6.33 1.19 1.41
CA LYS A 60 -6.78 2.56 1.22
C LYS A 60 -5.95 3.47 2.11
N ARG A 1 -5.47 -9.23 -6.29
CA ARG A 1 -6.82 -8.91 -5.83
C ARG A 1 -7.02 -7.38 -5.93
N ILE A 2 -8.21 -6.86 -5.61
CA ILE A 2 -8.46 -5.42 -5.65
C ILE A 2 -7.97 -4.85 -4.32
N CYS A 3 -7.14 -3.82 -4.37
CA CYS A 3 -6.59 -3.19 -3.18
C CYS A 3 -6.60 -1.69 -3.36
N TYR A 4 -6.25 -0.94 -2.30
CA TYR A 4 -6.32 0.50 -2.37
C TYR A 4 -5.39 1.02 -3.45
N SER A 5 -5.93 2.06 -4.07
CA SER A 5 -5.47 2.72 -5.25
C SER A 5 -3.99 3.01 -5.40
N HIS A 6 -3.58 2.92 -6.67
CA HIS A 6 -2.28 3.29 -7.22
C HIS A 6 -1.10 3.03 -6.27
N LYS A 7 -0.08 3.88 -6.33
CA LYS A 7 1.07 3.81 -5.43
C LYS A 7 1.91 5.09 -5.45
N ALA A 8 2.16 5.66 -6.63
CA ALA A 8 3.03 6.81 -6.81
C ALA A 8 2.45 7.78 -7.83
N SER A 9 3.32 8.42 -8.61
CA SER A 9 2.95 9.38 -9.63
C SER A 9 2.46 8.62 -10.87
N LEU A 10 1.33 7.95 -10.72
CA LEU A 10 0.60 7.17 -11.72
C LEU A 10 -0.86 7.61 -11.60
N PRO A 11 -1.74 7.27 -12.56
CA PRO A 11 -3.14 7.65 -12.45
C PRO A 11 -3.73 7.10 -11.16
N ARG A 12 -4.62 7.88 -10.54
CA ARG A 12 -5.23 7.50 -9.27
C ARG A 12 -6.47 6.66 -9.55
N ALA A 13 -6.40 5.38 -9.19
CA ALA A 13 -7.51 4.43 -9.35
C ALA A 13 -7.31 3.28 -8.38
N THR A 14 -8.37 2.52 -8.05
CA THR A 14 -8.37 1.43 -7.07
C THR A 14 -7.65 0.28 -7.75
N LYS A 15 -6.62 -0.25 -7.10
CA LYS A 15 -5.66 -1.07 -7.81
C LYS A 15 -6.09 -2.53 -7.90
N THR A 16 -6.54 -2.91 -9.10
CA THR A 16 -6.92 -4.27 -9.45
C THR A 16 -5.62 -5.02 -9.75
N CYS A 17 -4.96 -5.48 -8.69
CA CYS A 17 -3.68 -6.18 -8.79
C CYS A 17 -3.93 -7.68 -8.88
N VAL A 18 -2.87 -8.49 -8.96
CA VAL A 18 -2.97 -9.93 -8.99
C VAL A 18 -2.79 -10.46 -7.56
N GLU A 19 -1.72 -10.07 -6.87
CA GLU A 19 -1.39 -10.56 -5.52
C GLU A 19 -2.57 -10.43 -4.56
N ASN A 20 -2.63 -11.39 -3.63
CA ASN A 20 -3.61 -11.42 -2.56
C ASN A 20 -3.17 -10.48 -1.43
N THR A 21 -1.86 -10.32 -1.26
CA THR A 21 -1.29 -9.48 -0.24
C THR A 21 -1.17 -8.07 -0.82
N CYS A 22 -1.28 -7.07 0.05
CA CYS A 22 -1.19 -5.67 -0.28
C CYS A 22 -0.64 -4.95 0.94
N TYR A 23 -0.47 -3.64 0.84
CA TYR A 23 0.05 -2.87 1.95
C TYR A 23 -0.46 -1.45 1.93
N LYS A 24 -0.23 -0.81 3.07
CA LYS A 24 -0.48 0.58 3.34
C LYS A 24 0.84 1.16 3.88
N MET A 25 1.29 2.24 3.27
CA MET A 25 2.58 2.88 3.50
C MET A 25 2.43 4.28 4.10
N PHE A 26 3.35 4.65 4.98
CA PHE A 26 3.37 5.93 5.66
C PHE A 26 4.82 6.41 5.76
N ILE A 27 5.05 7.72 5.80
CA ILE A 27 6.41 8.22 5.94
C ILE A 27 6.95 7.71 7.29
N ARG A 28 8.21 7.26 7.29
CA ARG A 28 8.87 6.63 8.43
C ARG A 28 8.67 7.39 9.75
N THR A 29 8.80 8.71 9.70
CA THR A 29 8.70 9.58 10.85
C THR A 29 7.25 9.94 11.23
N HIS A 30 6.24 9.51 10.47
CA HIS A 30 4.86 9.92 10.70
C HIS A 30 3.91 8.71 10.65
N ARG A 31 3.82 7.99 11.77
CA ARG A 31 2.95 6.84 11.91
C ARG A 31 1.51 7.12 11.49
N GLU A 32 0.91 8.14 12.10
CA GLU A 32 -0.47 8.52 11.88
C GLU A 32 -0.65 9.30 10.58
N TYR A 33 -0.16 8.76 9.47
CA TYR A 33 -0.25 9.38 8.17
C TYR A 33 -0.05 8.33 7.08
N ILE A 34 -1.12 7.64 6.69
CA ILE A 34 -1.04 6.63 5.65
C ILE A 34 -1.01 7.40 4.33
N SER A 35 0.21 7.70 3.90
CA SER A 35 0.53 8.53 2.76
C SER A 35 0.38 7.80 1.44
N GLU A 36 0.73 6.51 1.39
CA GLU A 36 0.71 5.71 0.17
C GLU A 36 0.11 4.34 0.45
N ARG A 37 -0.14 3.57 -0.61
CA ARG A 37 -0.65 2.21 -0.57
C ARG A 37 0.01 1.43 -1.67
N GLY A 38 -0.16 0.10 -1.64
CA GLY A 38 0.34 -0.71 -2.72
C GLY A 38 -0.08 -2.17 -2.63
N CYS A 39 0.43 -2.98 -3.57
CA CYS A 39 0.12 -4.39 -3.79
C CYS A 39 1.34 -5.28 -3.53
N GLY A 40 1.12 -6.58 -3.24
CA GLY A 40 2.12 -7.60 -2.99
C GLY A 40 3.26 -7.13 -2.10
N CYS A 41 2.86 -7.01 -0.87
CA CYS A 41 3.60 -6.59 0.33
C CYS A 41 5.13 -6.70 0.20
N PRO A 42 5.82 -5.58 -0.12
CA PRO A 42 7.26 -5.49 -0.18
C PRO A 42 7.80 -4.89 1.12
N THR A 43 9.11 -4.65 1.17
CA THR A 43 9.76 -4.05 2.33
C THR A 43 9.56 -2.53 2.36
N ALA A 44 9.57 -1.99 3.58
CA ALA A 44 9.43 -0.56 3.83
C ALA A 44 10.74 0.15 3.48
N MET A 45 10.91 0.51 2.20
CA MET A 45 12.08 1.23 1.73
C MET A 45 12.17 2.60 2.42
N TRP A 46 13.39 3.13 2.55
CA TRP A 46 13.60 4.45 3.15
C TRP A 46 12.97 5.51 2.22
N PRO A 47 12.35 6.59 2.70
CA PRO A 47 12.12 6.97 4.08
C PRO A 47 10.69 6.63 4.53
N TYR A 48 10.24 5.39 4.29
CA TYR A 48 8.90 4.97 4.66
C TYR A 48 8.92 3.89 5.73
N GLN A 49 7.77 3.77 6.37
CA GLN A 49 7.38 2.64 7.18
C GLN A 49 6.18 2.08 6.42
N THR A 50 5.91 0.80 6.57
CA THR A 50 4.83 0.16 5.86
C THR A 50 4.28 -0.95 6.74
N GLU A 51 3.01 -1.27 6.53
CA GLU A 51 2.31 -2.34 7.21
C GLU A 51 1.46 -3.04 6.14
N CYS A 52 1.50 -4.37 6.14
CA CYS A 52 0.91 -5.21 5.11
C CYS A 52 -0.35 -5.92 5.58
N CYS A 53 -1.11 -6.46 4.62
CA CYS A 53 -2.34 -7.21 4.85
C CYS A 53 -2.65 -8.03 3.62
N LYS A 54 -3.74 -8.80 3.67
CA LYS A 54 -4.27 -9.59 2.58
C LYS A 54 -5.78 -9.44 2.59
N GLY A 55 -6.41 -9.53 1.42
CA GLY A 55 -7.86 -9.42 1.28
C GLY A 55 -8.28 -8.17 0.50
N ASP A 56 -9.47 -8.23 -0.10
CA ASP A 56 -10.02 -7.15 -0.91
C ASP A 56 -10.03 -5.87 -0.10
N ARG A 57 -9.36 -4.83 -0.62
CA ARG A 57 -9.27 -3.53 0.01
C ARG A 57 -8.84 -3.60 1.48
N CYS A 58 -8.05 -4.61 1.87
CA CYS A 58 -7.60 -4.73 3.25
C CYS A 58 -6.77 -3.52 3.66
N ASN A 59 -5.98 -3.00 2.74
CA ASN A 59 -5.07 -1.88 2.96
C ASN A 59 -5.81 -0.55 2.89
N LYS A 60 -6.87 -0.42 3.67
CA LYS A 60 -7.68 0.79 3.74
C LYS A 60 -7.12 1.70 4.85
N ARG A 1 -7.51 -10.21 -6.55
CA ARG A 1 -7.30 -9.26 -5.45
C ARG A 1 -7.02 -7.87 -6.02
N ILE A 2 -8.01 -6.97 -6.02
CA ILE A 2 -7.88 -5.57 -6.42
C ILE A 2 -7.38 -4.80 -5.20
N CYS A 3 -6.44 -3.87 -5.34
CA CYS A 3 -5.96 -3.06 -4.22
C CYS A 3 -5.49 -1.70 -4.70
N TYR A 4 -5.20 -0.81 -3.75
CA TYR A 4 -4.84 0.57 -4.01
C TYR A 4 -3.34 0.67 -4.31
N SER A 5 -2.93 1.70 -5.07
CA SER A 5 -1.56 1.91 -5.52
C SER A 5 -1.03 3.31 -5.18
N HIS A 6 -1.56 4.36 -5.82
CA HIS A 6 -1.13 5.73 -5.55
C HIS A 6 -1.40 6.04 -4.07
N LYS A 7 -0.58 6.90 -3.44
CA LYS A 7 -0.79 7.24 -2.03
C LYS A 7 -2.22 7.74 -1.83
N ALA A 8 -3.00 7.05 -1.00
CA ALA A 8 -4.41 7.34 -0.77
C ALA A 8 -5.21 7.25 -2.07
N SER A 9 -4.98 6.19 -2.86
CA SER A 9 -5.67 6.00 -4.13
C SER A 9 -7.07 5.44 -3.95
N LEU A 10 -7.79 5.51 -5.08
CA LEU A 10 -9.14 5.07 -5.38
C LEU A 10 -9.34 5.50 -6.83
N PRO A 11 -9.28 6.81 -7.13
CA PRO A 11 -9.28 7.30 -8.49
C PRO A 11 -7.84 7.17 -9.04
N ARG A 12 -7.64 7.63 -10.28
CA ARG A 12 -6.37 7.68 -10.98
C ARG A 12 -5.76 6.29 -11.20
N ALA A 13 -5.16 5.70 -10.16
CA ALA A 13 -4.49 4.40 -10.27
C ALA A 13 -4.75 3.51 -9.06
N THR A 14 -5.15 2.27 -9.35
CA THR A 14 -5.34 1.15 -8.43
C THR A 14 -4.76 -0.05 -9.20
N LYS A 15 -4.57 -1.21 -8.57
CA LYS A 15 -3.98 -2.34 -9.31
C LYS A 15 -4.57 -3.69 -8.89
N THR A 16 -4.69 -4.58 -9.87
CA THR A 16 -5.22 -5.93 -9.74
C THR A 16 -4.06 -6.91 -9.65
N CYS A 17 -4.15 -7.86 -8.71
CA CYS A 17 -3.14 -8.88 -8.49
C CYS A 17 -3.84 -10.16 -7.98
N VAL A 18 -3.06 -11.20 -7.68
CA VAL A 18 -3.52 -12.53 -7.28
C VAL A 18 -3.08 -12.89 -5.85
N GLU A 19 -2.33 -12.01 -5.18
CA GLU A 19 -1.81 -12.22 -3.85
C GLU A 19 -2.94 -12.36 -2.85
N ASN A 20 -2.58 -12.85 -1.66
CA ASN A 20 -3.49 -12.88 -0.53
C ASN A 20 -3.45 -11.53 0.19
N THR A 21 -2.32 -10.80 0.11
CA THR A 21 -2.13 -9.57 0.85
C THR A 21 -1.75 -8.40 -0.05
N CYS A 22 -2.04 -7.19 0.41
CA CYS A 22 -1.70 -5.91 -0.16
C CYS A 22 -1.02 -5.12 0.94
N TYR A 23 -0.63 -3.88 0.66
CA TYR A 23 0.04 -3.06 1.65
C TYR A 23 -0.20 -1.58 1.41
N LYS A 24 0.23 -0.83 2.41
CA LYS A 24 0.31 0.61 2.41
C LYS A 24 1.66 0.97 3.03
N MET A 25 2.38 1.89 2.38
CA MET A 25 3.71 2.36 2.78
C MET A 25 3.68 3.85 3.06
N PHE A 26 4.30 4.26 4.17
CA PHE A 26 4.41 5.62 4.68
C PHE A 26 5.87 5.91 5.05
N ILE A 27 6.22 7.18 5.22
CA ILE A 27 7.60 7.53 5.59
C ILE A 27 7.79 7.12 7.05
N ARG A 28 8.96 6.63 7.41
CA ARG A 28 9.24 6.14 8.75
C ARG A 28 9.05 7.24 9.79
N THR A 29 9.76 8.35 9.57
CA THR A 29 9.70 9.51 10.41
C THR A 29 8.34 10.20 10.23
N HIS A 30 8.08 10.65 9.00
CA HIS A 30 6.86 11.37 8.65
C HIS A 30 5.74 10.38 8.37
N ARG A 31 5.43 9.58 9.38
CA ARG A 31 4.42 8.53 9.29
C ARG A 31 3.03 9.08 9.02
N GLU A 32 2.75 10.34 9.36
CA GLU A 32 1.48 10.97 9.08
C GLU A 32 1.39 11.43 7.61
N TYR A 33 1.89 10.60 6.69
CA TYR A 33 1.89 10.82 5.26
C TYR A 33 2.08 9.48 4.55
N ILE A 34 1.14 9.13 3.67
CA ILE A 34 1.23 7.90 2.88
C ILE A 34 2.19 8.18 1.72
N SER A 35 3.13 7.27 1.50
CA SER A 35 4.13 7.34 0.45
C SER A 35 3.64 6.63 -0.81
N GLU A 36 3.17 5.40 -0.65
CA GLU A 36 2.73 4.55 -1.75
C GLU A 36 1.86 3.44 -1.18
N ARG A 37 1.12 2.72 -2.02
CA ARG A 37 0.38 1.53 -1.67
C ARG A 37 0.65 0.49 -2.74
N GLY A 38 0.28 -0.76 -2.47
CA GLY A 38 0.48 -1.76 -3.51
C GLY A 38 -0.01 -3.14 -3.13
N CYS A 39 0.30 -4.09 -4.01
CA CYS A 39 -0.09 -5.49 -3.99
C CYS A 39 1.08 -6.36 -3.51
N GLY A 40 0.81 -7.45 -2.76
CA GLY A 40 1.81 -8.37 -2.21
C GLY A 40 2.91 -7.64 -1.46
N CYS A 41 2.56 -7.40 -0.20
CA CYS A 41 3.30 -6.68 0.82
C CYS A 41 4.80 -6.96 0.86
N PRO A 42 5.66 -6.05 0.37
CA PRO A 42 7.11 -6.21 0.40
C PRO A 42 7.68 -5.63 1.69
N THR A 43 8.99 -5.79 1.88
CA THR A 43 9.71 -5.27 3.02
C THR A 43 9.74 -3.74 2.94
N ALA A 44 9.84 -3.07 4.09
CA ALA A 44 9.91 -1.62 4.17
C ALA A 44 11.33 -1.15 3.86
N MET A 45 11.46 -0.29 2.85
CA MET A 45 12.74 0.30 2.47
C MET A 45 13.07 1.44 3.44
N TRP A 46 14.25 2.04 3.30
CA TRP A 46 14.68 3.16 4.13
C TRP A 46 14.42 4.46 3.34
N PRO A 47 13.90 5.54 3.95
CA PRO A 47 13.42 5.70 5.32
C PRO A 47 11.89 5.54 5.35
N TYR A 48 11.38 4.35 5.03
CA TYR A 48 9.95 4.07 5.01
C TYR A 48 9.57 3.02 6.03
N GLN A 49 8.27 2.95 6.29
CA GLN A 49 7.66 1.89 7.06
C GLN A 49 6.45 1.47 6.23
N THR A 50 6.19 0.18 6.24
CA THR A 50 5.11 -0.46 5.51
C THR A 50 4.26 -1.26 6.49
N GLU A 51 3.00 -1.45 6.14
CA GLU A 51 2.07 -2.29 6.86
C GLU A 51 1.19 -2.98 5.82
N CYS A 52 0.97 -4.28 6.01
CA CYS A 52 0.22 -5.13 5.11
C CYS A 52 -1.24 -5.22 5.52
N CYS A 53 -2.07 -5.82 4.66
CA CYS A 53 -3.46 -6.15 4.93
C CYS A 53 -3.88 -7.21 3.93
N LYS A 54 -5.02 -7.87 4.15
CA LYS A 54 -5.59 -8.88 3.26
C LYS A 54 -7.02 -8.47 2.97
N GLY A 55 -7.50 -8.73 1.75
CA GLY A 55 -8.84 -8.40 1.31
C GLY A 55 -8.80 -7.39 0.18
N ASP A 56 -9.73 -7.51 -0.78
CA ASP A 56 -9.80 -6.56 -1.88
C ASP A 56 -9.98 -5.15 -1.31
N ARG A 57 -9.24 -4.20 -1.86
CA ARG A 57 -9.14 -2.81 -1.45
C ARG A 57 -8.99 -2.66 0.07
N CYS A 58 -8.34 -3.62 0.76
CA CYS A 58 -8.12 -3.54 2.19
C CYS A 58 -7.17 -2.40 2.56
N ASN A 59 -6.25 -2.05 1.65
CA ASN A 59 -5.23 -1.06 1.91
C ASN A 59 -5.78 0.35 1.74
N LYS A 60 -6.80 0.68 2.54
CA LYS A 60 -7.47 1.97 2.58
C LYS A 60 -6.66 2.97 3.40
N ARG A 1 -7.63 -10.58 -5.83
CA ARG A 1 -7.51 -9.60 -4.74
C ARG A 1 -7.39 -8.19 -5.31
N ILE A 2 -8.31 -7.29 -4.96
CA ILE A 2 -8.21 -5.87 -5.33
C ILE A 2 -7.32 -5.21 -4.28
N CYS A 3 -6.44 -4.29 -4.68
CA CYS A 3 -5.62 -3.53 -3.75
C CYS A 3 -5.61 -2.09 -4.23
N TYR A 4 -5.58 -1.14 -3.29
CA TYR A 4 -5.48 0.27 -3.64
C TYR A 4 -4.05 0.52 -4.10
N SER A 5 -3.88 1.57 -4.92
CA SER A 5 -2.59 1.92 -5.51
C SER A 5 -2.22 3.38 -5.25
N HIS A 6 -3.18 4.30 -5.41
CA HIS A 6 -2.92 5.73 -5.27
C HIS A 6 -2.34 6.10 -3.90
N LYS A 7 -1.37 7.01 -3.90
CA LYS A 7 -0.78 7.52 -2.67
C LYS A 7 -1.72 8.58 -2.08
N ALA A 8 -1.48 9.07 -0.86
CA ALA A 8 -2.38 10.01 -0.20
C ALA A 8 -2.27 11.44 -0.76
N SER A 9 -2.11 11.60 -2.07
CA SER A 9 -2.07 12.90 -2.72
C SER A 9 -2.34 12.75 -4.23
N LEU A 10 -3.21 11.82 -4.61
CA LEU A 10 -3.60 11.55 -5.99
C LEU A 10 -5.06 11.07 -5.99
N PRO A 11 -5.77 11.14 -7.12
CA PRO A 11 -7.13 10.62 -7.23
C PRO A 11 -7.17 9.13 -6.88
N ARG A 12 -8.35 8.61 -6.51
CA ARG A 12 -8.48 7.20 -6.16
C ARG A 12 -8.12 6.32 -7.36
N ALA A 13 -7.31 5.31 -7.07
CA ALA A 13 -6.81 4.32 -8.02
C ALA A 13 -6.53 3.02 -7.27
N THR A 14 -6.92 1.91 -7.91
CA THR A 14 -6.83 0.54 -7.43
C THR A 14 -6.26 -0.33 -8.55
N LYS A 15 -5.79 -1.53 -8.19
CA LYS A 15 -5.27 -2.53 -9.11
C LYS A 15 -5.76 -3.92 -8.69
N THR A 16 -5.82 -4.84 -9.66
CA THR A 16 -6.23 -6.23 -9.46
C THR A 16 -4.96 -7.08 -9.39
N CYS A 17 -4.89 -7.97 -8.39
CA CYS A 17 -3.72 -8.82 -8.16
C CYS A 17 -4.17 -10.21 -7.70
N VAL A 18 -3.23 -11.17 -7.74
CA VAL A 18 -3.46 -12.54 -7.32
C VAL A 18 -3.14 -12.69 -5.83
N GLU A 19 -2.07 -12.03 -5.37
CA GLU A 19 -1.57 -12.08 -4.00
C GLU A 19 -2.71 -11.90 -3.00
N ASN A 20 -2.68 -12.70 -1.93
CA ASN A 20 -3.69 -12.65 -0.87
C ASN A 20 -3.59 -11.37 -0.04
N THR A 21 -2.47 -10.64 -0.14
CA THR A 21 -2.20 -9.47 0.68
C THR A 21 -1.97 -8.22 -0.16
N CYS A 22 -2.30 -7.08 0.42
CA CYS A 22 -2.04 -5.75 -0.10
C CYS A 22 -1.16 -5.06 0.92
N TYR A 23 -0.60 -3.90 0.54
CA TYR A 23 0.19 -3.09 1.43
C TYR A 23 -0.08 -1.63 1.17
N LYS A 24 0.40 -0.86 2.13
CA LYS A 24 0.48 0.58 2.04
C LYS A 24 1.85 0.97 2.57
N MET A 25 2.59 1.70 1.73
CA MET A 25 3.92 2.19 2.01
C MET A 25 3.81 3.67 2.32
N PHE A 26 4.46 4.08 3.41
CA PHE A 26 4.47 5.43 3.94
C PHE A 26 5.89 5.81 4.31
N ILE A 27 6.16 7.10 4.51
CA ILE A 27 7.46 7.52 4.97
C ILE A 27 7.53 7.10 6.44
N ARG A 28 8.48 6.25 6.77
CA ARG A 28 8.69 5.65 8.08
C ARG A 28 8.60 6.68 9.20
N THR A 29 9.34 7.77 9.05
CA THR A 29 9.41 8.87 10.00
C THR A 29 8.36 9.95 9.72
N HIS A 30 7.27 9.63 9.00
CA HIS A 30 6.17 10.52 8.67
C HIS A 30 5.00 9.64 8.22
N ARG A 31 4.64 8.70 9.11
CA ARG A 31 3.65 7.66 8.94
C ARG A 31 2.35 8.14 8.28
N GLU A 32 1.98 9.39 8.51
CA GLU A 32 0.75 10.00 8.01
C GLU A 32 0.65 10.02 6.50
N TYR A 33 1.80 10.19 5.90
CA TYR A 33 1.97 10.30 4.46
C TYR A 33 2.08 8.91 3.82
N ILE A 34 0.98 8.44 3.21
CA ILE A 34 0.97 7.20 2.47
C ILE A 34 1.60 7.56 1.12
N SER A 35 2.77 7.00 0.88
CA SER A 35 3.66 7.23 -0.25
C SER A 35 3.28 6.44 -1.49
N GLU A 36 2.86 5.19 -1.29
CA GLU A 36 2.47 4.28 -2.35
C GLU A 36 1.61 3.18 -1.74
N ARG A 37 0.87 2.44 -2.55
CA ARG A 37 0.13 1.27 -2.12
C ARG A 37 0.30 0.18 -3.17
N GLY A 38 0.13 -1.08 -2.78
CA GLY A 38 0.29 -2.14 -3.76
C GLY A 38 -0.10 -3.51 -3.23
N CYS A 39 0.38 -4.56 -3.92
CA CYS A 39 0.06 -5.97 -3.70
C CYS A 39 1.27 -6.75 -3.18
N GLY A 40 1.00 -7.86 -2.48
CA GLY A 40 2.02 -8.78 -1.96
C GLY A 40 3.16 -8.07 -1.26
N CYS A 41 2.73 -7.47 -0.17
CA CYS A 41 3.44 -6.63 0.79
C CYS A 41 4.94 -6.90 0.93
N PRO A 42 5.81 -6.10 0.31
CA PRO A 42 7.24 -6.22 0.44
C PRO A 42 7.75 -5.39 1.62
N THR A 43 9.01 -5.61 1.99
CA THR A 43 9.69 -4.87 3.05
C THR A 43 10.14 -3.51 2.52
N ALA A 44 10.38 -2.55 3.42
CA ALA A 44 10.85 -1.22 3.08
C ALA A 44 11.68 -0.69 4.24
N MET A 45 12.74 0.07 3.93
CA MET A 45 13.68 0.66 4.87
C MET A 45 13.60 2.18 4.77
N TRP A 46 14.16 2.88 5.78
CA TRP A 46 14.16 4.33 5.84
C TRP A 46 14.63 4.89 4.48
N PRO A 47 13.98 5.91 3.91
CA PRO A 47 12.92 6.71 4.49
C PRO A 47 11.53 6.05 4.51
N TYR A 48 11.33 4.88 3.92
CA TYR A 48 10.01 4.26 3.83
C TYR A 48 9.78 3.12 4.81
N GLN A 49 8.50 2.80 5.01
CA GLN A 49 8.05 1.63 5.72
C GLN A 49 6.73 1.22 5.12
N THR A 50 6.54 -0.10 5.10
CA THR A 50 5.37 -0.77 4.60
C THR A 50 4.58 -1.40 5.74
N GLU A 51 3.24 -1.35 5.65
CA GLU A 51 2.35 -2.09 6.52
C GLU A 51 1.39 -2.84 5.59
N CYS A 52 1.14 -4.10 5.90
CA CYS A 52 0.37 -5.02 5.08
C CYS A 52 -1.07 -5.19 5.61
N CYS A 53 -1.93 -5.78 4.78
CA CYS A 53 -3.28 -6.18 5.14
C CYS A 53 -3.72 -7.22 4.12
N LYS A 54 -4.80 -7.95 4.39
CA LYS A 54 -5.40 -8.92 3.49
C LYS A 54 -6.89 -8.59 3.41
N GLY A 55 -7.50 -8.86 2.26
CA GLY A 55 -8.89 -8.55 1.98
C GLY A 55 -8.94 -7.56 0.82
N ASP A 56 -9.90 -7.74 -0.08
CA ASP A 56 -10.06 -6.86 -1.23
C ASP A 56 -10.16 -5.41 -0.76
N ARG A 57 -9.37 -4.54 -1.38
CA ARG A 57 -9.17 -3.14 -1.09
C ARG A 57 -9.03 -2.84 0.41
N CYS A 58 -8.41 -3.76 1.18
CA CYS A 58 -8.19 -3.59 2.61
C CYS A 58 -7.27 -2.40 2.90
N ASN A 59 -6.31 -2.13 2.01
CA ASN A 59 -5.31 -1.07 2.19
C ASN A 59 -5.92 0.30 1.85
N LYS A 60 -7.02 0.64 2.51
CA LYS A 60 -7.74 1.90 2.32
C LYS A 60 -6.96 3.06 2.94
N ARG A 1 -5.76 -10.41 -5.10
CA ARG A 1 -7.10 -9.84 -4.88
C ARG A 1 -7.12 -8.42 -5.46
N ILE A 2 -8.28 -7.75 -5.41
CA ILE A 2 -8.41 -6.35 -5.79
C ILE A 2 -7.87 -5.52 -4.63
N CYS A 3 -6.97 -4.58 -4.93
CA CYS A 3 -6.36 -3.74 -3.92
C CYS A 3 -6.00 -2.38 -4.52
N TYR A 4 -5.55 -1.44 -3.68
CA TYR A 4 -5.17 -0.12 -4.12
C TYR A 4 -3.71 -0.17 -4.58
N SER A 5 -3.38 0.56 -5.65
CA SER A 5 -2.01 0.61 -6.13
C SER A 5 -1.78 1.92 -6.88
N HIS A 6 -1.51 3.00 -6.12
CA HIS A 6 -1.23 4.32 -6.65
C HIS A 6 -0.40 5.08 -5.62
N LYS A 7 0.30 6.12 -6.06
CA LYS A 7 1.03 7.02 -5.20
C LYS A 7 0.04 8.06 -4.68
N ALA A 8 0.26 8.62 -3.49
CA ALA A 8 -0.63 9.58 -2.85
C ALA A 8 -0.50 10.98 -3.47
N SER A 9 -0.68 11.06 -4.78
CA SER A 9 -0.68 12.28 -5.56
C SER A 9 -1.38 12.02 -6.89
N LEU A 10 -2.40 11.15 -6.86
CA LEU A 10 -3.23 10.73 -7.96
C LEU A 10 -4.57 10.31 -7.35
N PRO A 11 -5.67 10.24 -8.12
CA PRO A 11 -6.92 9.73 -7.61
C PRO A 11 -6.74 8.29 -7.12
N ARG A 12 -7.59 7.83 -6.20
CA ARG A 12 -7.46 6.45 -5.71
C ARG A 12 -7.69 5.47 -6.86
N ALA A 13 -6.63 4.76 -7.25
CA ALA A 13 -6.68 3.75 -8.31
C ALA A 13 -6.37 2.39 -7.69
N THR A 14 -7.17 1.40 -8.09
CA THR A 14 -7.10 0.03 -7.65
C THR A 14 -6.80 -0.88 -8.83
N LYS A 15 -6.41 -2.12 -8.53
CA LYS A 15 -6.18 -3.13 -9.56
C LYS A 15 -6.33 -4.54 -9.01
N THR A 16 -6.70 -5.46 -9.90
CA THR A 16 -6.90 -6.87 -9.65
C THR A 16 -5.55 -7.58 -9.61
N CYS A 17 -4.88 -7.55 -8.47
CA CYS A 17 -3.61 -8.25 -8.30
C CYS A 17 -3.90 -9.71 -8.02
N VAL A 18 -2.88 -10.57 -8.11
CA VAL A 18 -3.05 -11.98 -7.76
C VAL A 18 -3.07 -12.07 -6.23
N GLU A 19 -1.98 -11.59 -5.62
CA GLU A 19 -1.64 -11.62 -4.19
C GLU A 19 -2.83 -11.60 -3.24
N ASN A 20 -2.69 -12.42 -2.20
CA ASN A 20 -3.63 -12.52 -1.11
C ASN A 20 -3.43 -11.39 -0.11
N THR A 21 -2.27 -10.71 -0.16
CA THR A 21 -1.93 -9.67 0.77
C THR A 21 -1.70 -8.40 -0.03
N CYS A 22 -1.73 -7.25 0.62
CA CYS A 22 -1.46 -5.96 0.01
C CYS A 22 -0.83 -5.08 1.08
N TYR A 23 -0.36 -3.91 0.68
CA TYR A 23 0.30 -2.99 1.59
C TYR A 23 -0.08 -1.56 1.30
N LYS A 24 0.27 -0.75 2.31
CA LYS A 24 0.24 0.69 2.23
C LYS A 24 1.62 1.14 2.73
N MET A 25 2.31 1.93 1.89
CA MET A 25 3.63 2.45 2.13
C MET A 25 3.53 3.90 2.62
N PHE A 26 4.27 4.21 3.68
CA PHE A 26 4.28 5.49 4.37
C PHE A 26 5.71 5.81 4.78
N ILE A 27 5.99 7.08 5.09
CA ILE A 27 7.29 7.42 5.65
C ILE A 27 7.22 6.94 7.09
N ARG A 28 8.21 6.15 7.52
CA ARG A 28 8.24 5.51 8.83
C ARG A 28 7.83 6.43 9.99
N THR A 29 8.38 7.64 10.01
CA THR A 29 8.12 8.62 11.06
C THR A 29 6.74 9.27 10.99
N HIS A 30 5.98 9.04 9.90
CA HIS A 30 4.68 9.66 9.66
C HIS A 30 3.66 8.60 9.29
N ARG A 31 3.29 7.77 10.26
CA ARG A 31 2.31 6.71 10.13
C ARG A 31 1.05 7.20 9.42
N GLU A 32 0.57 8.37 9.81
CA GLU A 32 -0.65 8.98 9.27
C GLU A 32 -0.53 9.57 7.87
N TYR A 33 0.61 9.36 7.22
CA TYR A 33 0.90 9.82 5.87
C TYR A 33 1.17 8.63 4.97
N ILE A 34 0.13 8.13 4.30
CA ILE A 34 0.28 7.04 3.35
C ILE A 34 0.83 7.69 2.08
N SER A 35 2.03 7.29 1.68
CA SER A 35 2.75 7.81 0.54
C SER A 35 2.35 7.09 -0.75
N GLU A 36 2.11 5.78 -0.68
CA GLU A 36 1.76 4.96 -1.84
C GLU A 36 1.12 3.66 -1.35
N ARG A 37 0.52 2.88 -2.24
CA ARG A 37 -0.03 1.56 -1.91
C ARG A 37 0.38 0.55 -2.97
N GLY A 38 0.22 -0.73 -2.65
CA GLY A 38 0.52 -1.79 -3.60
C GLY A 38 0.09 -3.16 -3.09
N CYS A 39 0.48 -4.21 -3.80
CA CYS A 39 0.07 -5.59 -3.58
C CYS A 39 1.19 -6.45 -2.96
N GLY A 40 0.78 -7.55 -2.30
CA GLY A 40 1.58 -8.53 -1.58
C GLY A 40 2.87 -7.97 -0.97
N CYS A 41 2.64 -7.16 0.07
CA CYS A 41 3.56 -6.42 0.93
C CYS A 41 5.03 -6.83 0.91
N PRO A 42 5.87 -6.13 0.11
CA PRO A 42 7.30 -6.32 0.09
C PRO A 42 8.00 -5.33 1.03
N THR A 43 9.31 -5.47 1.13
CA THR A 43 10.16 -4.59 1.93
C THR A 43 10.18 -3.18 1.31
N ALA A 44 10.48 -2.17 2.13
CA ALA A 44 10.59 -0.78 1.71
C ALA A 44 11.94 -0.26 2.23
N MET A 45 12.56 0.66 1.50
CA MET A 45 13.84 1.24 1.86
C MET A 45 13.61 2.48 2.74
N TRP A 46 14.52 2.70 3.68
CA TRP A 46 14.46 3.84 4.59
C TRP A 46 14.43 5.13 3.74
N PRO A 47 13.65 6.16 4.10
CA PRO A 47 12.83 6.28 5.30
C PRO A 47 11.41 5.71 5.13
N TYR A 48 11.12 4.99 4.05
CA TYR A 48 9.79 4.43 3.87
C TYR A 48 9.63 3.15 4.67
N GLN A 49 8.37 2.81 4.92
CA GLN A 49 7.96 1.60 5.57
C GLN A 49 6.64 1.18 4.98
N THR A 50 6.54 -0.13 4.81
CA THR A 50 5.37 -0.82 4.30
C THR A 50 4.65 -1.52 5.45
N GLU A 51 3.36 -1.21 5.64
CA GLU A 51 2.52 -1.92 6.60
C GLU A 51 1.51 -2.67 5.73
N CYS A 52 1.43 -3.97 5.98
CA CYS A 52 0.66 -4.92 5.20
C CYS A 52 -0.76 -5.09 5.73
N CYS A 53 -1.61 -5.71 4.92
CA CYS A 53 -2.96 -6.12 5.28
C CYS A 53 -3.39 -7.20 4.29
N LYS A 54 -4.48 -7.91 4.60
CA LYS A 54 -5.07 -8.93 3.78
C LYS A 54 -6.58 -8.72 3.79
N GLY A 55 -7.23 -9.14 2.70
CA GLY A 55 -8.66 -9.00 2.50
C GLY A 55 -8.98 -7.77 1.69
N ASP A 56 -9.28 -8.07 0.44
CA ASP A 56 -9.63 -7.13 -0.63
C ASP A 56 -8.77 -5.87 -0.52
N ARG A 57 -9.33 -4.73 -0.95
CA ARG A 57 -8.72 -3.43 -0.83
C ARG A 57 -8.61 -2.91 0.60
N CYS A 58 -8.28 -3.76 1.59
CA CYS A 58 -7.99 -3.33 2.95
C CYS A 58 -6.92 -2.23 2.96
N ASN A 59 -6.02 -2.22 1.97
CA ASN A 59 -4.89 -1.31 1.90
C ASN A 59 -5.32 0.10 1.43
N LYS A 60 -6.31 0.68 2.10
CA LYS A 60 -6.80 2.01 1.79
C LYS A 60 -5.77 3.08 2.20
N ARG A 1 -7.32 -9.91 -6.36
CA ARG A 1 -7.37 -9.12 -5.12
C ARG A 1 -7.11 -7.65 -5.46
N ILE A 2 -8.08 -6.74 -5.28
CA ILE A 2 -7.89 -5.35 -5.66
C ILE A 2 -7.08 -4.63 -4.59
N CYS A 3 -6.00 -3.95 -4.99
CA CYS A 3 -5.15 -3.20 -4.08
C CYS A 3 -4.94 -1.80 -4.66
N TYR A 4 -4.91 -0.78 -3.81
CA TYR A 4 -4.61 0.58 -4.24
C TYR A 4 -3.10 0.70 -4.40
N SER A 5 -2.60 1.80 -4.99
CA SER A 5 -1.17 2.01 -5.11
C SER A 5 -0.71 3.47 -5.02
N HIS A 6 -1.47 4.45 -5.53
CA HIS A 6 -1.00 5.84 -5.51
C HIS A 6 -1.01 6.48 -4.11
N LYS A 7 -0.78 7.81 -4.08
CA LYS A 7 -0.64 8.63 -2.88
C LYS A 7 -1.91 8.73 -2.02
N ALA A 8 -3.05 8.19 -2.45
CA ALA A 8 -4.28 8.24 -1.66
C ALA A 8 -5.20 7.10 -2.09
N SER A 9 -6.27 6.90 -1.32
CA SER A 9 -7.29 5.89 -1.54
C SER A 9 -8.31 6.29 -2.61
N LEU A 10 -7.85 6.89 -3.71
CA LEU A 10 -8.71 7.34 -4.80
C LEU A 10 -8.42 6.49 -6.05
N PRO A 11 -9.30 6.46 -7.05
CA PRO A 11 -9.03 5.70 -8.25
C PRO A 11 -7.97 6.43 -9.09
N ARG A 12 -6.84 5.76 -9.30
CA ARG A 12 -5.70 6.18 -10.09
C ARG A 12 -4.77 4.98 -10.11
N ALA A 13 -3.54 5.05 -9.57
CA ALA A 13 -2.69 3.88 -9.54
C ALA A 13 -3.30 2.91 -8.54
N THR A 14 -3.91 1.86 -9.08
CA THR A 14 -4.62 0.79 -8.43
C THR A 14 -4.25 -0.46 -9.23
N LYS A 15 -4.38 -1.66 -8.66
CA LYS A 15 -4.02 -2.87 -9.39
C LYS A 15 -4.72 -4.12 -8.86
N THR A 16 -4.92 -5.07 -9.76
CA THR A 16 -5.50 -6.37 -9.50
C THR A 16 -4.35 -7.31 -9.11
N CYS A 17 -4.14 -7.47 -7.81
CA CYS A 17 -3.11 -8.33 -7.27
C CYS A 17 -3.58 -9.78 -7.32
N VAL A 18 -2.60 -10.66 -7.13
CA VAL A 18 -2.70 -12.10 -7.09
C VAL A 18 -2.63 -12.53 -5.63
N GLU A 19 -1.71 -11.93 -4.86
CA GLU A 19 -1.59 -12.19 -3.45
C GLU A 19 -2.86 -11.76 -2.75
N ASN A 20 -3.22 -12.47 -1.69
CA ASN A 20 -4.37 -12.12 -0.87
C ASN A 20 -4.11 -10.81 -0.13
N THR A 21 -2.84 -10.45 0.07
CA THR A 21 -2.47 -9.28 0.82
C THR A 21 -2.15 -8.10 -0.07
N CYS A 22 -2.43 -6.91 0.46
CA CYS A 22 -2.07 -5.62 -0.10
C CYS A 22 -1.25 -4.96 0.99
N TYR A 23 -0.58 -3.86 0.65
CA TYR A 23 0.16 -3.06 1.62
C TYR A 23 -0.20 -1.62 1.43
N LYS A 24 0.11 -0.89 2.49
CA LYS A 24 0.08 0.54 2.56
C LYS A 24 1.44 0.94 3.11
N MET A 25 2.14 1.82 2.38
CA MET A 25 3.49 2.27 2.64
C MET A 25 3.47 3.75 3.04
N PHE A 26 4.25 4.08 4.07
CA PHE A 26 4.37 5.41 4.61
C PHE A 26 5.84 5.74 4.78
N ILE A 27 6.23 6.98 4.50
CA ILE A 27 7.60 7.40 4.77
C ILE A 27 7.77 7.27 6.29
N ARG A 28 8.88 6.65 6.68
CA ARG A 28 9.18 6.24 8.04
C ARG A 28 9.12 7.35 9.08
N THR A 29 9.41 8.59 8.69
CA THR A 29 9.34 9.73 9.59
C THR A 29 7.87 10.05 9.87
N HIS A 30 7.18 10.57 8.85
CA HIS A 30 5.78 10.96 8.96
C HIS A 30 4.91 9.75 8.67
N ARG A 31 5.04 8.74 9.54
CA ARG A 31 4.32 7.49 9.39
C ARG A 31 2.81 7.66 9.35
N GLU A 32 2.27 8.71 9.98
CA GLU A 32 0.84 8.98 10.03
C GLU A 32 0.30 9.56 8.71
N TYR A 33 0.80 9.06 7.58
CA TYR A 33 0.37 9.42 6.25
C TYR A 33 0.84 8.32 5.29
N ILE A 34 -0.12 7.68 4.61
CA ILE A 34 0.18 6.60 3.66
C ILE A 34 0.65 7.28 2.37
N SER A 35 1.94 7.15 2.09
CA SER A 35 2.64 7.79 0.99
C SER A 35 2.51 7.00 -0.32
N GLU A 36 2.43 5.67 -0.25
CA GLU A 36 2.31 4.77 -1.38
C GLU A 36 1.47 3.59 -0.91
N ARG A 37 0.96 2.77 -1.83
CA ARG A 37 0.25 1.54 -1.51
C ARG A 37 0.69 0.47 -2.50
N GLY A 38 0.28 -0.79 -2.31
CA GLY A 38 0.60 -1.81 -3.30
C GLY A 38 0.07 -3.21 -3.01
N CYS A 39 0.53 -4.16 -3.82
CA CYS A 39 0.17 -5.57 -3.91
C CYS A 39 1.19 -6.50 -3.22
N GLY A 40 0.74 -7.60 -2.60
CA GLY A 40 1.58 -8.62 -1.96
C GLY A 40 2.73 -8.06 -1.16
N CYS A 41 2.29 -7.50 -0.06
CA CYS A 41 3.01 -6.78 0.97
C CYS A 41 4.48 -7.20 1.19
N PRO A 42 5.44 -6.45 0.64
CA PRO A 42 6.86 -6.69 0.83
C PRO A 42 7.39 -5.79 1.96
N THR A 43 8.70 -5.87 2.22
CA THR A 43 9.35 -4.99 3.19
C THR A 43 9.54 -3.61 2.56
N ALA A 44 10.27 -2.73 3.24
CA ALA A 44 10.54 -1.38 2.80
C ALA A 44 11.87 -0.91 3.40
N MET A 45 12.76 -0.42 2.54
CA MET A 45 14.05 0.09 2.96
C MET A 45 13.88 1.52 3.50
N TRP A 46 14.92 2.03 4.16
CA TRP A 46 14.90 3.39 4.68
C TRP A 46 14.74 4.37 3.49
N PRO A 47 13.96 5.47 3.61
CA PRO A 47 13.18 5.91 4.74
C PRO A 47 11.69 5.58 4.57
N TYR A 48 11.33 4.32 4.28
CA TYR A 48 9.94 3.91 4.11
C TYR A 48 9.62 2.73 5.01
N GLN A 49 8.34 2.56 5.35
CA GLN A 49 7.84 1.43 6.10
C GLN A 49 6.51 0.99 5.50
N THR A 50 6.35 -0.30 5.24
CA THR A 50 5.15 -0.94 4.76
C THR A 50 4.40 -1.61 5.91
N GLU A 51 3.07 -1.58 5.87
CA GLU A 51 2.22 -2.32 6.77
C GLU A 51 1.17 -2.98 5.88
N CYS A 52 0.89 -4.27 6.11
CA CYS A 52 0.05 -5.08 5.26
C CYS A 52 -1.41 -5.08 5.71
N CYS A 53 -2.28 -5.60 4.84
CA CYS A 53 -3.70 -5.86 5.10
C CYS A 53 -4.16 -6.87 4.06
N LYS A 54 -5.33 -7.49 4.29
CA LYS A 54 -5.93 -8.46 3.41
C LYS A 54 -7.35 -7.99 3.08
N GLY A 55 -7.84 -8.36 1.89
CA GLY A 55 -9.16 -8.00 1.41
C GLY A 55 -9.08 -6.92 0.35
N ASP A 56 -10.03 -6.95 -0.58
CA ASP A 56 -10.06 -6.00 -1.67
C ASP A 56 -10.12 -4.60 -1.10
N ARG A 57 -9.39 -3.72 -1.76
CA ARG A 57 -9.15 -2.34 -1.43
C ARG A 57 -8.91 -2.09 0.07
N CYS A 58 -8.41 -3.09 0.83
CA CYS A 58 -8.15 -2.91 2.25
C CYS A 58 -7.12 -1.82 2.50
N ASN A 59 -6.14 -1.70 1.61
CA ASN A 59 -5.03 -0.77 1.74
C ASN A 59 -5.45 0.63 1.30
N LYS A 60 -6.48 1.18 1.95
CA LYS A 60 -6.93 2.53 1.67
C LYS A 60 -5.98 3.55 2.29
N ARG A 1 -5.61 -10.64 -5.55
CA ARG A 1 -6.88 -9.94 -5.32
C ARG A 1 -6.69 -8.47 -5.75
N ILE A 2 -7.65 -7.58 -5.46
CA ILE A 2 -7.59 -6.18 -5.85
C ILE A 2 -6.77 -5.41 -4.82
N CYS A 3 -5.92 -4.49 -5.26
CA CYS A 3 -5.15 -3.62 -4.39
C CYS A 3 -5.21 -2.22 -4.97
N TYR A 4 -5.05 -1.21 -4.14
CA TYR A 4 -5.01 0.17 -4.57
C TYR A 4 -3.59 0.42 -5.07
N SER A 5 -3.47 1.08 -6.22
CA SER A 5 -2.21 1.32 -6.91
C SER A 5 -1.59 2.68 -6.59
N HIS A 6 -2.35 3.72 -6.91
CA HIS A 6 -1.99 5.14 -6.82
C HIS A 6 -1.15 5.55 -5.61
N LYS A 7 -0.33 6.58 -5.84
CA LYS A 7 0.50 7.24 -4.85
C LYS A 7 -0.28 8.41 -4.22
N ALA A 8 0.34 9.07 -3.24
CA ALA A 8 -0.17 10.19 -2.44
C ALA A 8 -0.98 11.26 -3.19
N SER A 9 -2.20 10.91 -3.60
CA SER A 9 -3.15 11.79 -4.26
C SER A 9 -4.59 11.26 -4.14
N LEU A 10 -4.73 10.24 -3.31
CA LEU A 10 -5.91 9.44 -2.99
C LEU A 10 -6.99 9.36 -4.11
N PRO A 11 -6.68 9.02 -5.39
CA PRO A 11 -7.72 8.91 -6.41
C PRO A 11 -8.46 7.56 -6.40
N ARG A 12 -8.11 6.72 -5.42
CA ARG A 12 -8.67 5.41 -5.12
C ARG A 12 -8.43 4.38 -6.24
N ALA A 13 -7.64 4.73 -7.26
CA ALA A 13 -7.33 3.86 -8.40
C ALA A 13 -6.73 2.52 -7.92
N THR A 14 -7.12 1.45 -8.61
CA THR A 14 -6.79 0.08 -8.29
C THR A 14 -5.72 -0.53 -9.20
N LYS A 15 -5.38 -1.78 -8.88
CA LYS A 15 -4.58 -2.73 -9.63
C LYS A 15 -5.05 -4.12 -9.21
N THR A 16 -4.93 -5.11 -10.09
CA THR A 16 -5.31 -6.48 -9.82
C THR A 16 -4.03 -7.31 -9.67
N CYS A 17 -3.78 -7.84 -8.49
CA CYS A 17 -2.62 -8.69 -8.21
C CYS A 17 -3.13 -10.10 -7.91
N VAL A 18 -2.25 -11.03 -7.57
CA VAL A 18 -2.62 -12.39 -7.21
C VAL A 18 -2.92 -12.43 -5.70
N GLU A 19 -1.98 -11.91 -4.90
CA GLU A 19 -2.03 -11.90 -3.44
C GLU A 19 -3.37 -11.44 -2.88
N ASN A 20 -3.76 -12.06 -1.77
CA ASN A 20 -4.95 -11.69 -1.00
C ASN A 20 -4.62 -10.46 -0.14
N THR A 21 -3.33 -10.13 -0.03
CA THR A 21 -2.81 -9.04 0.76
C THR A 21 -2.31 -7.92 -0.13
N CYS A 22 -2.29 -6.69 0.40
CA CYS A 22 -1.80 -5.51 -0.25
C CYS A 22 -1.05 -4.70 0.78
N TYR A 23 -0.13 -3.84 0.34
CA TYR A 23 0.54 -2.92 1.24
C TYR A 23 0.29 -1.48 0.84
N LYS A 24 0.60 -0.63 1.82
CA LYS A 24 0.61 0.82 1.74
C LYS A 24 1.95 1.27 2.34
N MET A 25 2.66 2.11 1.59
CA MET A 25 3.99 2.63 1.87
C MET A 25 3.90 4.09 2.33
N PHE A 26 4.56 4.41 3.45
CA PHE A 26 4.58 5.75 4.04
C PHE A 26 6.00 6.11 4.46
N ILE A 27 6.28 7.40 4.72
CA ILE A 27 7.59 7.81 5.18
C ILE A 27 7.71 7.37 6.63
N ARG A 28 8.86 6.82 7.01
CA ARG A 28 9.06 6.20 8.33
C ARG A 28 8.69 7.14 9.47
N THR A 29 8.97 8.44 9.32
CA THR A 29 8.62 9.46 10.28
C THR A 29 7.14 9.79 10.12
N HIS A 30 6.79 10.30 8.93
CA HIS A 30 5.45 10.76 8.60
C HIS A 30 4.56 9.56 8.23
N ARG A 31 4.26 8.75 9.24
CA ARG A 31 3.44 7.56 9.05
C ARG A 31 2.04 7.92 8.58
N GLU A 32 1.48 9.03 9.06
CA GLU A 32 0.15 9.50 8.67
C GLU A 32 0.21 10.20 7.30
N TYR A 33 0.85 9.55 6.31
CA TYR A 33 1.00 10.03 4.95
C TYR A 33 1.31 8.81 4.07
N ILE A 34 0.29 8.28 3.38
CA ILE A 34 0.49 7.14 2.51
C ILE A 34 1.12 7.70 1.24
N SER A 35 2.40 7.37 1.04
CA SER A 35 3.23 7.85 -0.04
C SER A 35 2.93 7.06 -1.31
N GLU A 36 2.99 5.74 -1.23
CA GLU A 36 2.78 4.84 -2.36
C GLU A 36 2.06 3.59 -1.86
N ARG A 37 1.75 2.64 -2.75
CA ARG A 37 1.07 1.41 -2.42
C ARG A 37 1.68 0.26 -3.20
N GLY A 38 1.31 -0.97 -2.83
CA GLY A 38 1.82 -2.14 -3.51
C GLY A 38 1.02 -3.40 -3.18
N CYS A 39 1.42 -4.51 -3.79
CA CYS A 39 0.78 -5.82 -3.66
C CYS A 39 1.47 -6.64 -2.57
N GLY A 40 0.70 -7.39 -1.78
CA GLY A 40 1.21 -8.24 -0.73
C GLY A 40 1.52 -7.50 0.58
N CYS A 41 2.80 -7.29 0.85
CA CYS A 41 3.39 -6.82 2.10
C CYS A 41 4.78 -6.21 1.71
N PRO A 42 5.51 -5.48 2.59
CA PRO A 42 6.73 -4.72 2.42
C PRO A 42 7.71 -4.94 1.27
N THR A 43 8.44 -3.85 1.04
CA THR A 43 9.50 -3.68 0.05
C THR A 43 10.37 -2.52 0.49
N ALA A 44 9.64 -1.44 0.65
CA ALA A 44 10.06 -0.10 1.04
C ALA A 44 10.55 -0.04 2.48
N MET A 45 11.83 0.24 2.66
CA MET A 45 12.52 0.39 3.93
C MET A 45 12.99 1.85 4.07
N TRP A 46 13.77 2.13 5.12
CA TRP A 46 14.32 3.44 5.48
C TRP A 46 14.74 4.23 4.23
N PRO A 47 14.34 5.52 4.07
CA PRO A 47 13.60 6.35 5.01
C PRO A 47 12.09 6.11 5.00
N TYR A 48 11.60 5.08 4.31
CA TYR A 48 10.20 4.73 4.27
C TYR A 48 9.93 3.50 5.12
N GLN A 49 8.66 3.16 5.25
CA GLN A 49 8.25 1.89 5.80
C GLN A 49 6.92 1.55 5.16
N THR A 50 6.73 0.26 4.94
CA THR A 50 5.51 -0.33 4.41
C THR A 50 4.71 -0.98 5.53
N GLU A 51 3.38 -1.04 5.38
CA GLU A 51 2.49 -1.80 6.26
C GLU A 51 1.52 -2.55 5.34
N CYS A 52 1.15 -3.78 5.72
CA CYS A 52 0.33 -4.67 4.93
C CYS A 52 -1.11 -4.70 5.43
N CYS A 53 -1.97 -5.34 4.65
CA CYS A 53 -3.37 -5.59 4.96
C CYS A 53 -3.85 -6.73 4.07
N LYS A 54 -5.01 -7.30 4.41
CA LYS A 54 -5.65 -8.37 3.67
C LYS A 54 -7.03 -7.90 3.19
N GLY A 55 -7.41 -8.29 1.98
CA GLY A 55 -8.73 -8.00 1.42
C GLY A 55 -8.65 -7.08 0.19
N ASP A 56 -9.67 -7.21 -0.67
CA ASP A 56 -9.80 -6.41 -1.88
C ASP A 56 -9.77 -4.95 -1.50
N ARG A 57 -8.86 -4.20 -2.13
CA ARG A 57 -8.70 -2.77 -1.92
C ARG A 57 -8.43 -2.41 -0.45
N CYS A 58 -7.91 -3.33 0.38
CA CYS A 58 -7.69 -3.06 1.79
C CYS A 58 -6.71 -1.92 2.05
N ASN A 59 -5.73 -1.72 1.17
CA ASN A 59 -4.69 -0.71 1.31
C ASN A 59 -5.22 0.66 0.91
N LYS A 60 -6.24 1.11 1.64
CA LYS A 60 -6.87 2.40 1.45
C LYS A 60 -5.89 3.54 1.76
N ARG A 1 -7.92 -10.69 -5.44
CA ARG A 1 -7.75 -9.57 -4.51
C ARG A 1 -7.75 -8.26 -5.30
N ILE A 2 -8.03 -7.12 -4.66
CA ILE A 2 -7.96 -5.79 -5.24
C ILE A 2 -6.99 -5.05 -4.31
N CYS A 3 -6.07 -4.25 -4.84
CA CYS A 3 -5.11 -3.51 -4.04
C CYS A 3 -4.96 -2.10 -4.61
N TYR A 4 -4.90 -1.09 -3.75
CA TYR A 4 -4.66 0.28 -4.19
C TYR A 4 -3.27 0.35 -4.80
N SER A 5 -3.09 1.27 -5.74
CA SER A 5 -1.84 1.51 -6.46
C SER A 5 -1.43 2.98 -6.43
N HIS A 6 -2.38 3.91 -6.57
CA HIS A 6 -2.03 5.33 -6.64
C HIS A 6 -1.14 5.78 -5.47
N LYS A 7 -0.12 6.60 -5.75
CA LYS A 7 0.75 7.16 -4.73
C LYS A 7 0.01 8.27 -4.00
N ALA A 8 0.70 8.98 -3.10
CA ALA A 8 0.16 10.11 -2.34
C ALA A 8 -0.46 11.13 -3.30
N SER A 9 -1.77 11.00 -3.56
CA SER A 9 -2.53 11.83 -4.47
C SER A 9 -4.01 11.64 -4.11
N LEU A 10 -4.90 11.90 -5.07
CA LEU A 10 -6.35 11.80 -4.92
C LEU A 10 -7.00 10.82 -5.91
N PRO A 11 -6.66 10.83 -7.21
CA PRO A 11 -7.25 9.90 -8.17
C PRO A 11 -6.98 8.47 -7.73
N ARG A 12 -8.07 7.72 -7.50
CA ARG A 12 -7.94 6.37 -6.98
C ARG A 12 -7.68 5.39 -8.12
N ALA A 13 -6.48 4.80 -8.10
CA ALA A 13 -6.05 3.77 -9.03
C ALA A 13 -5.87 2.51 -8.20
N THR A 14 -6.75 1.53 -8.40
CA THR A 14 -6.79 0.25 -7.71
C THR A 14 -6.65 -0.85 -8.76
N LYS A 15 -5.79 -1.84 -8.51
CA LYS A 15 -5.51 -2.92 -9.45
C LYS A 15 -5.96 -4.27 -8.87
N THR A 16 -6.27 -5.21 -9.77
CA THR A 16 -6.62 -6.56 -9.41
C THR A 16 -5.33 -7.37 -9.23
N CYS A 17 -5.25 -8.17 -8.17
CA CYS A 17 -4.09 -8.99 -7.88
C CYS A 17 -4.53 -10.38 -7.40
N VAL A 18 -3.55 -11.28 -7.27
CA VAL A 18 -3.76 -12.67 -6.88
C VAL A 18 -3.50 -12.84 -5.38
N GLU A 19 -2.40 -12.25 -4.90
CA GLU A 19 -1.94 -12.35 -3.52
C GLU A 19 -3.06 -12.07 -2.53
N ASN A 20 -3.03 -12.80 -1.41
CA ASN A 20 -4.01 -12.63 -0.36
C ASN A 20 -3.86 -11.26 0.33
N THR A 21 -2.67 -10.67 0.28
CA THR A 21 -2.36 -9.43 0.96
C THR A 21 -2.04 -8.31 -0.01
N CYS A 22 -2.27 -7.08 0.48
CA CYS A 22 -1.90 -5.84 -0.15
C CYS A 22 -1.03 -5.12 0.87
N TYR A 23 -0.43 -4.01 0.45
CA TYR A 23 0.36 -3.19 1.35
C TYR A 23 0.14 -1.74 1.01
N LYS A 24 0.47 -0.94 2.02
CA LYS A 24 0.48 0.50 1.98
C LYS A 24 1.85 0.90 2.50
N MET A 25 2.54 1.74 1.73
CA MET A 25 3.89 2.22 2.03
C MET A 25 3.80 3.67 2.49
N PHE A 26 4.33 3.96 3.68
CA PHE A 26 4.41 5.31 4.22
C PHE A 26 5.86 5.64 4.54
N ILE A 27 6.13 6.91 4.83
CA ILE A 27 7.44 7.29 5.32
C ILE A 27 7.46 6.77 6.75
N ARG A 28 8.46 5.96 7.10
CA ARG A 28 8.56 5.33 8.41
C ARG A 28 8.31 6.35 9.52
N THR A 29 9.08 7.43 9.48
CA THR A 29 9.07 8.51 10.44
C THR A 29 7.69 9.21 10.50
N HIS A 30 6.88 9.13 9.44
CA HIS A 30 5.60 9.78 9.32
C HIS A 30 4.57 8.76 8.82
N ARG A 31 4.21 7.81 9.69
CA ARG A 31 3.27 6.75 9.37
C ARG A 31 1.99 7.31 8.75
N GLU A 32 1.51 8.45 9.26
CA GLU A 32 0.31 9.13 8.81
C GLU A 32 0.52 9.88 7.49
N TYR A 33 1.16 9.22 6.51
CA TYR A 33 1.41 9.73 5.17
C TYR A 33 1.64 8.53 4.27
N ILE A 34 0.59 8.05 3.59
CA ILE A 34 0.69 6.91 2.70
C ILE A 34 1.31 7.43 1.40
N SER A 35 2.56 7.05 1.16
CA SER A 35 3.37 7.47 0.03
C SER A 35 3.01 6.69 -1.23
N GLU A 36 2.97 5.36 -1.11
CA GLU A 36 2.73 4.44 -2.22
C GLU A 36 1.86 3.28 -1.71
N ARG A 37 1.31 2.48 -2.63
CA ARG A 37 0.56 1.28 -2.29
C ARG A 37 0.93 0.17 -3.26
N GLY A 38 0.54 -1.04 -2.89
CA GLY A 38 0.76 -2.18 -3.78
C GLY A 38 0.18 -3.50 -3.29
N CYS A 39 0.54 -4.58 -3.98
CA CYS A 39 0.07 -5.96 -3.79
C CYS A 39 1.19 -6.88 -3.26
N GLY A 40 0.84 -7.88 -2.44
CA GLY A 40 1.77 -8.89 -1.92
C GLY A 40 2.97 -8.28 -1.22
N CYS A 41 2.60 -7.66 -0.13
CA CYS A 41 3.37 -6.89 0.82
C CYS A 41 4.86 -7.24 0.96
N PRO A 42 5.76 -6.47 0.32
CA PRO A 42 7.20 -6.63 0.45
C PRO A 42 7.74 -5.68 1.51
N THR A 43 9.03 -5.80 1.80
CA THR A 43 9.74 -4.93 2.74
C THR A 43 10.12 -3.62 2.03
N ALA A 44 10.40 -2.57 2.80
CA ALA A 44 10.82 -1.27 2.29
C ALA A 44 11.80 -0.67 3.30
N MET A 45 12.83 0.02 2.81
CA MET A 45 13.88 0.62 3.60
C MET A 45 13.63 2.13 3.76
N TRP A 46 14.29 2.73 4.76
CA TRP A 46 14.13 4.14 5.07
C TRP A 46 14.46 4.98 3.83
N PRO A 47 13.77 6.11 3.56
CA PRO A 47 12.78 6.76 4.41
C PRO A 47 11.45 6.01 4.53
N TYR A 48 11.19 5.04 3.66
CA TYR A 48 9.91 4.34 3.64
C TYR A 48 9.86 3.15 4.59
N GLN A 49 8.63 2.70 4.80
CA GLN A 49 8.29 1.47 5.47
C GLN A 49 6.92 1.07 4.91
N THR A 50 6.73 -0.23 4.79
CA THR A 50 5.48 -0.85 4.37
C THR A 50 4.75 -1.41 5.59
N GLU A 51 3.43 -1.47 5.48
CA GLU A 51 2.58 -2.20 6.41
C GLU A 51 1.55 -2.90 5.53
N CYS A 52 1.29 -4.17 5.84
CA CYS A 52 0.43 -5.04 5.06
C CYS A 52 -1.00 -5.06 5.58
N CYS A 53 -1.90 -5.61 4.77
CA CYS A 53 -3.29 -5.87 5.11
C CYS A 53 -3.83 -6.90 4.12
N LYS A 54 -5.00 -7.46 4.36
CA LYS A 54 -5.68 -8.36 3.47
C LYS A 54 -7.13 -7.91 3.43
N GLY A 55 -7.72 -7.90 2.23
CA GLY A 55 -9.08 -7.45 1.98
C GLY A 55 -9.06 -6.60 0.71
N ASP A 56 -10.13 -6.65 -0.09
CA ASP A 56 -10.24 -5.87 -1.31
C ASP A 56 -9.99 -4.40 -0.97
N ARG A 57 -8.97 -3.82 -1.61
CA ARG A 57 -8.48 -2.46 -1.42
C ARG A 57 -8.38 -2.08 0.06
N CYS A 58 -7.92 -3.01 0.91
CA CYS A 58 -7.71 -2.74 2.33
C CYS A 58 -6.61 -1.71 2.56
N ASN A 59 -5.64 -1.64 1.65
CA ASN A 59 -4.48 -0.79 1.73
C ASN A 59 -4.79 0.65 1.33
N LYS A 60 -5.76 1.25 2.02
CA LYS A 60 -6.13 2.65 1.81
C LYS A 60 -5.00 3.56 2.31
N ARG A 1 -5.73 -10.82 -5.16
CA ARG A 1 -6.71 -9.90 -4.57
C ARG A 1 -6.58 -8.52 -5.24
N ILE A 2 -7.57 -7.64 -5.04
CA ILE A 2 -7.52 -6.26 -5.52
C ILE A 2 -6.73 -5.45 -4.51
N CYS A 3 -5.83 -4.56 -4.95
CA CYS A 3 -5.06 -3.72 -4.04
C CYS A 3 -4.90 -2.35 -4.65
N TYR A 4 -4.74 -1.34 -3.81
CA TYR A 4 -4.47 0.01 -4.29
C TYR A 4 -3.10 0.09 -4.94
N SER A 5 -2.96 1.06 -5.85
CA SER A 5 -1.71 1.39 -6.51
C SER A 5 -1.80 2.85 -6.99
N HIS A 6 -2.24 3.73 -6.08
CA HIS A 6 -2.35 5.15 -6.37
C HIS A 6 -1.00 5.83 -6.29
N LYS A 7 -0.95 7.07 -6.76
CA LYS A 7 0.27 7.86 -6.76
C LYS A 7 0.79 8.13 -5.35
N ALA A 8 -0.13 8.32 -4.39
CA ALA A 8 0.08 8.60 -2.99
C ALA A 8 -1.31 8.79 -2.39
N SER A 9 -1.44 9.03 -1.07
CA SER A 9 -2.77 9.16 -0.47
C SER A 9 -3.35 10.53 -0.79
N LEU A 10 -3.98 10.60 -1.95
CA LEU A 10 -4.76 11.73 -2.42
C LEU A 10 -5.84 11.12 -3.34
N PRO A 11 -5.61 10.90 -4.64
CA PRO A 11 -6.58 10.21 -5.48
C PRO A 11 -6.54 8.72 -5.13
N ARG A 12 -7.60 7.98 -5.45
CA ARG A 12 -7.67 6.55 -5.19
C ARG A 12 -7.57 5.85 -6.55
N ALA A 13 -6.78 4.78 -6.62
CA ALA A 13 -6.62 3.96 -7.80
C ALA A 13 -6.21 2.56 -7.36
N THR A 14 -6.80 1.53 -7.98
CA THR A 14 -6.58 0.14 -7.63
C THR A 14 -6.23 -0.71 -8.85
N LYS A 15 -5.61 -1.86 -8.60
CA LYS A 15 -5.26 -2.86 -9.61
C LYS A 15 -5.61 -4.23 -9.05
N THR A 16 -5.65 -5.23 -9.92
CA THR A 16 -5.88 -6.61 -9.53
C THR A 16 -4.52 -7.32 -9.46
N CYS A 17 -4.37 -8.21 -8.49
CA CYS A 17 -3.18 -9.01 -8.26
C CYS A 17 -3.62 -10.43 -7.90
N VAL A 18 -2.65 -11.32 -7.72
CA VAL A 18 -2.92 -12.70 -7.34
C VAL A 18 -2.97 -12.80 -5.81
N GLU A 19 -1.96 -12.28 -5.12
CA GLU A 19 -1.79 -12.37 -3.67
C GLU A 19 -3.06 -11.99 -2.92
N ASN A 20 -3.25 -12.67 -1.80
CA ASN A 20 -4.35 -12.44 -0.88
C ASN A 20 -4.15 -11.13 -0.10
N THR A 21 -2.90 -10.66 -0.02
CA THR A 21 -2.57 -9.50 0.79
C THR A 21 -2.29 -8.28 -0.08
N CYS A 22 -2.24 -7.11 0.55
CA CYS A 22 -1.91 -5.83 -0.03
C CYS A 22 -1.08 -5.08 1.00
N TYR A 23 -0.46 -3.97 0.59
CA TYR A 23 0.29 -3.11 1.48
C TYR A 23 0.05 -1.66 1.15
N LYS A 24 0.41 -0.85 2.13
CA LYS A 24 0.42 0.59 2.02
C LYS A 24 1.76 1.06 2.60
N MET A 25 2.55 1.71 1.74
CA MET A 25 3.88 2.20 2.02
C MET A 25 3.82 3.67 2.43
N PHE A 26 4.26 3.95 3.66
CA PHE A 26 4.35 5.27 4.25
C PHE A 26 5.82 5.58 4.53
N ILE A 27 6.11 6.79 5.00
CA ILE A 27 7.45 7.23 5.38
C ILE A 27 7.42 7.41 6.89
N ARG A 28 8.49 7.01 7.58
CA ARG A 28 8.57 7.07 9.04
C ARG A 28 8.22 8.45 9.59
N THR A 29 8.79 9.50 9.01
CA THR A 29 8.51 10.87 9.42
C THR A 29 7.03 11.17 9.16
N HIS A 30 6.65 11.11 7.88
CA HIS A 30 5.30 11.42 7.41
C HIS A 30 4.40 10.20 7.59
N ARG A 31 4.34 9.68 8.82
CA ARG A 31 3.57 8.50 9.16
C ARG A 31 2.12 8.58 8.71
N GLU A 32 1.47 9.70 9.01
CA GLU A 32 0.07 9.93 8.70
C GLU A 32 -0.13 10.32 7.22
N TYR A 33 0.57 9.62 6.33
CA TYR A 33 0.49 9.82 4.90
C TYR A 33 1.02 8.55 4.21
N ILE A 34 0.44 8.17 3.08
CA ILE A 34 0.85 6.99 2.33
C ILE A 34 1.54 7.48 1.05
N SER A 35 2.79 7.07 0.87
CA SER A 35 3.60 7.41 -0.29
C SER A 35 3.25 6.51 -1.48
N GLU A 36 2.95 5.23 -1.24
CA GLU A 36 2.64 4.30 -2.31
C GLU A 36 1.81 3.15 -1.73
N ARG A 37 1.17 2.32 -2.57
CA ARG A 37 0.42 1.15 -2.15
C ARG A 37 0.68 0.04 -3.16
N GLY A 38 0.47 -1.21 -2.77
CA GLY A 38 0.68 -2.30 -3.70
C GLY A 38 0.17 -3.65 -3.20
N CYS A 39 0.61 -4.70 -3.90
CA CYS A 39 0.19 -6.09 -3.74
C CYS A 39 1.10 -6.92 -2.81
N GLY A 40 0.49 -7.90 -2.14
CA GLY A 40 1.04 -8.89 -1.22
C GLY A 40 2.32 -8.51 -0.46
N CYS A 41 2.08 -7.92 0.71
CA CYS A 41 2.97 -7.49 1.78
C CYS A 41 4.48 -7.76 1.62
N PRO A 42 5.22 -6.87 0.96
CA PRO A 42 6.68 -6.91 0.85
C PRO A 42 7.28 -5.89 1.83
N THR A 43 8.61 -5.87 1.89
CA THR A 43 9.38 -4.94 2.70
C THR A 43 9.67 -3.66 1.91
N ALA A 44 10.27 -2.68 2.58
CA ALA A 44 10.70 -1.42 2.00
C ALA A 44 11.88 -0.90 2.81
N MET A 45 12.73 -0.07 2.20
CA MET A 45 13.94 0.45 2.78
C MET A 45 13.72 1.83 3.41
N TRP A 46 14.57 2.16 4.39
CA TRP A 46 14.55 3.43 5.09
C TRP A 46 14.58 4.59 4.08
N PRO A 47 13.81 5.68 4.27
CA PRO A 47 12.91 5.96 5.39
C PRO A 47 11.50 5.40 5.19
N TYR A 48 11.24 4.63 4.13
CA TYR A 48 9.93 4.08 3.84
C TYR A 48 9.68 2.82 4.64
N GLN A 49 8.41 2.51 4.87
CA GLN A 49 8.04 1.23 5.43
C GLN A 49 6.61 0.94 5.03
N THR A 50 6.37 -0.34 4.82
CA THR A 50 5.12 -0.94 4.42
C THR A 50 4.36 -1.50 5.62
N GLU A 51 3.07 -1.18 5.71
CA GLU A 51 2.15 -1.81 6.66
C GLU A 51 1.16 -2.55 5.76
N CYS A 52 0.75 -3.74 6.17
CA CYS A 52 0.02 -4.68 5.34
C CYS A 52 -1.41 -4.94 5.79
N CYS A 53 -2.21 -5.51 4.88
CA CYS A 53 -3.60 -5.88 5.11
C CYS A 53 -3.99 -6.95 4.10
N LYS A 54 -5.16 -7.57 4.29
CA LYS A 54 -5.74 -8.57 3.44
C LYS A 54 -7.18 -8.16 3.12
N GLY A 55 -7.63 -8.41 1.90
CA GLY A 55 -8.98 -8.07 1.45
C GLY A 55 -8.95 -7.17 0.23
N ASP A 56 -10.01 -7.23 -0.58
CA ASP A 56 -10.15 -6.44 -1.79
C ASP A 56 -10.04 -4.96 -1.43
N ARG A 57 -9.04 -4.31 -2.01
CA ARG A 57 -8.69 -2.91 -1.77
C ARG A 57 -8.70 -2.59 -0.26
N CYS A 58 -8.21 -3.53 0.57
CA CYS A 58 -8.15 -3.36 2.02
C CYS A 58 -7.32 -2.14 2.40
N ASN A 59 -6.33 -1.78 1.58
CA ASN A 59 -5.50 -0.61 1.78
C ASN A 59 -6.29 0.60 1.28
N LYS A 60 -7.39 0.89 1.99
CA LYS A 60 -8.36 1.96 1.74
C LYS A 60 -7.70 3.34 1.85
N ARG A 1 -5.86 -10.69 -5.84
CA ARG A 1 -7.02 -9.89 -5.36
C ARG A 1 -6.93 -8.47 -5.87
N ILE A 2 -7.87 -7.59 -5.51
CA ILE A 2 -7.80 -6.18 -5.85
C ILE A 2 -7.05 -5.48 -4.72
N CYS A 3 -6.23 -4.49 -5.06
CA CYS A 3 -5.53 -3.67 -4.07
C CYS A 3 -5.55 -2.24 -4.57
N TYR A 4 -5.35 -1.30 -3.65
CA TYR A 4 -5.14 0.08 -4.01
C TYR A 4 -3.73 0.16 -4.57
N SER A 5 -3.50 1.07 -5.51
CA SER A 5 -2.19 1.24 -6.10
C SER A 5 -1.92 2.72 -6.39
N HIS A 6 -2.23 3.58 -5.42
CA HIS A 6 -1.92 4.99 -5.53
C HIS A 6 -0.40 5.12 -5.29
N LYS A 7 0.23 6.11 -5.91
CA LYS A 7 1.66 6.38 -5.81
C LYS A 7 1.80 7.91 -5.80
N ALA A 8 1.58 8.49 -4.62
CA ALA A 8 1.52 9.93 -4.40
C ALA A 8 0.54 10.58 -5.38
N SER A 9 -0.48 9.80 -5.78
CA SER A 9 -1.50 10.15 -6.74
C SER A 9 -2.82 10.27 -5.99
N LEU A 10 -3.00 11.39 -5.31
CA LEU A 10 -4.16 11.76 -4.49
C LEU A 10 -5.46 10.99 -4.79
N PRO A 11 -6.05 11.08 -5.99
CA PRO A 11 -7.27 10.36 -6.31
C PRO A 11 -7.05 8.85 -6.19
N ARG A 12 -7.88 8.22 -5.36
CA ARG A 12 -7.80 6.80 -5.05
C ARG A 12 -7.87 5.94 -6.32
N ALA A 13 -6.80 5.19 -6.58
CA ALA A 13 -6.65 4.30 -7.72
C ALA A 13 -6.56 2.86 -7.19
N THR A 14 -7.37 1.96 -7.74
CA THR A 14 -7.43 0.56 -7.33
C THR A 14 -7.33 -0.33 -8.56
N LYS A 15 -6.73 -1.51 -8.43
CA LYS A 15 -6.58 -2.43 -9.56
C LYS A 15 -6.33 -3.85 -9.08
N THR A 16 -6.26 -4.78 -10.04
CA THR A 16 -6.05 -6.19 -9.79
C THR A 16 -4.57 -6.47 -9.51
N CYS A 17 -4.34 -7.42 -8.62
CA CYS A 17 -3.05 -7.93 -8.16
C CYS A 17 -3.21 -9.45 -8.08
N VAL A 18 -2.11 -10.19 -8.13
CA VAL A 18 -2.18 -11.65 -8.03
C VAL A 18 -2.51 -12.03 -6.57
N GLU A 19 -1.64 -11.59 -5.66
CA GLU A 19 -1.66 -11.91 -4.25
C GLU A 19 -2.99 -11.61 -3.55
N ASN A 20 -3.12 -12.26 -2.39
CA ASN A 20 -4.21 -12.13 -1.42
C ASN A 20 -3.98 -10.89 -0.55
N THR A 21 -2.70 -10.49 -0.42
CA THR A 21 -2.27 -9.40 0.41
C THR A 21 -2.00 -8.15 -0.42
N CYS A 22 -2.12 -7.00 0.25
CA CYS A 22 -1.84 -5.67 -0.28
C CYS A 22 -1.04 -4.94 0.79
N TYR A 23 -0.53 -3.77 0.46
CA TYR A 23 0.17 -2.93 1.40
C TYR A 23 -0.18 -1.48 1.19
N LYS A 24 0.20 -0.70 2.19
CA LYS A 24 0.21 0.75 2.12
C LYS A 24 1.57 1.17 2.65
N MET A 25 2.31 1.93 1.83
CA MET A 25 3.65 2.41 2.10
C MET A 25 3.60 3.87 2.54
N PHE A 26 4.27 4.18 3.64
CA PHE A 26 4.33 5.50 4.25
C PHE A 26 5.79 5.85 4.55
N ILE A 27 6.08 7.14 4.76
CA ILE A 27 7.42 7.54 5.18
C ILE A 27 7.48 7.19 6.67
N ARG A 28 8.49 6.42 7.06
CA ARG A 28 8.64 5.84 8.40
C ARG A 28 8.35 6.83 9.52
N THR A 29 8.92 8.03 9.44
CA THR A 29 8.70 9.07 10.42
C THR A 29 7.26 9.56 10.33
N HIS A 30 6.89 10.06 9.14
CA HIS A 30 5.58 10.60 8.82
C HIS A 30 4.59 9.46 8.59
N ARG A 31 4.40 8.64 9.62
CA ARG A 31 3.49 7.51 9.65
C ARG A 31 2.09 7.85 9.13
N GLU A 32 1.63 9.08 9.38
CA GLU A 32 0.32 9.55 8.97
C GLU A 32 0.26 10.07 7.53
N TYR A 33 1.31 9.82 6.76
CA TYR A 33 1.43 10.19 5.35
C TYR A 33 1.66 8.92 4.53
N ILE A 34 0.61 8.42 3.89
CA ILE A 34 0.70 7.27 3.01
C ILE A 34 1.25 7.81 1.69
N SER A 35 2.40 7.29 1.26
CA SER A 35 3.11 7.71 0.07
C SER A 35 2.67 6.89 -1.15
N GLU A 36 2.48 5.58 -0.97
CA GLU A 36 2.13 4.67 -2.05
C GLU A 36 1.31 3.53 -1.48
N ARG A 37 0.66 2.74 -2.33
CA ARG A 37 -0.04 1.52 -1.98
C ARG A 37 0.24 0.48 -3.05
N GLY A 38 0.04 -0.81 -2.76
CA GLY A 38 0.28 -1.81 -3.79
C GLY A 38 -0.01 -3.26 -3.40
N CYS A 39 0.36 -4.17 -4.31
CA CYS A 39 0.17 -5.62 -4.28
C CYS A 39 1.16 -6.34 -3.35
N GLY A 40 0.77 -7.51 -2.82
CA GLY A 40 1.57 -8.42 -2.01
C GLY A 40 2.81 -7.81 -1.35
N CYS A 41 2.47 -7.22 -0.23
CA CYS A 41 3.27 -6.44 0.71
C CYS A 41 4.75 -6.81 0.81
N PRO A 42 5.65 -6.07 0.14
CA PRO A 42 7.08 -6.23 0.30
C PRO A 42 7.56 -5.32 1.42
N THR A 43 8.81 -5.52 1.84
CA THR A 43 9.42 -4.66 2.85
C THR A 43 9.88 -3.38 2.15
N ALA A 44 9.92 -2.26 2.89
CA ALA A 44 10.35 -0.97 2.39
C ALA A 44 11.41 -0.42 3.33
N MET A 45 12.57 -0.05 2.77
CA MET A 45 13.69 0.47 3.52
C MET A 45 13.50 1.96 3.81
N TRP A 46 14.21 2.46 4.83
CA TRP A 46 14.18 3.85 5.22
C TRP A 46 14.54 4.69 3.99
N PRO A 47 13.90 5.85 3.74
CA PRO A 47 12.96 6.55 4.60
C PRO A 47 11.54 5.95 4.63
N TYR A 48 11.23 4.91 3.86
CA TYR A 48 9.89 4.35 3.83
C TYR A 48 9.71 3.17 4.77
N GLN A 49 8.45 2.81 4.98
CA GLN A 49 8.04 1.62 5.68
C GLN A 49 6.66 1.22 5.14
N THR A 50 6.42 -0.08 5.00
CA THR A 50 5.20 -0.69 4.52
C THR A 50 4.43 -1.38 5.64
N GLU A 51 3.10 -1.20 5.67
CA GLU A 51 2.21 -1.95 6.55
C GLU A 51 1.28 -2.71 5.60
N CYS A 52 1.13 -4.01 5.85
CA CYS A 52 0.40 -4.92 5.00
C CYS A 52 -1.05 -5.12 5.46
N CYS A 53 -1.84 -5.78 4.61
CA CYS A 53 -3.20 -6.23 4.93
C CYS A 53 -3.57 -7.33 3.94
N LYS A 54 -4.64 -8.06 4.23
CA LYS A 54 -5.18 -9.14 3.42
C LYS A 54 -6.63 -8.82 3.06
N GLY A 55 -7.05 -9.13 1.83
CA GLY A 55 -8.42 -8.92 1.38
C GLY A 55 -8.55 -7.92 0.24
N ASP A 56 -9.61 -8.06 -0.55
CA ASP A 56 -9.86 -7.21 -1.70
C ASP A 56 -10.03 -5.77 -1.22
N ARG A 57 -9.21 -4.87 -1.77
CA ARG A 57 -9.16 -3.46 -1.41
C ARG A 57 -8.94 -3.27 0.10
N CYS A 58 -8.24 -4.18 0.78
CA CYS A 58 -8.00 -4.05 2.21
C CYS A 58 -7.17 -2.80 2.51
N ASN A 59 -6.26 -2.41 1.62
CA ASN A 59 -5.39 -1.26 1.83
C ASN A 59 -6.12 0.02 1.43
N LYS A 60 -7.28 0.27 2.06
CA LYS A 60 -8.08 1.47 1.85
C LYS A 60 -7.66 2.56 2.83
N ARG A 1 -7.90 -10.40 -5.92
CA ARG A 1 -7.73 -9.58 -4.71
C ARG A 1 -7.74 -8.09 -5.10
N ILE A 2 -8.78 -7.35 -4.73
CA ILE A 2 -8.89 -5.93 -5.07
C ILE A 2 -8.02 -5.16 -4.09
N CYS A 3 -7.10 -4.32 -4.58
CA CYS A 3 -6.29 -3.50 -3.71
C CYS A 3 -6.10 -2.15 -4.36
N TYR A 4 -5.71 -1.16 -3.55
CA TYR A 4 -5.53 0.20 -3.98
C TYR A 4 -4.13 0.35 -4.56
N SER A 5 -3.98 1.21 -5.55
CA SER A 5 -2.72 1.49 -6.22
C SER A 5 -2.71 2.93 -6.70
N HIS A 6 -2.49 3.85 -5.77
CA HIS A 6 -2.35 5.27 -5.94
C HIS A 6 -1.55 5.75 -4.73
N LYS A 7 -1.09 7.00 -4.73
CA LYS A 7 -0.29 7.55 -3.64
C LYS A 7 -0.38 9.07 -3.71
N ALA A 8 0.10 9.78 -2.69
CA ALA A 8 0.09 11.24 -2.67
C ALA A 8 -1.31 11.78 -3.00
N SER A 9 -1.37 13.02 -3.51
CA SER A 9 -2.60 13.70 -3.84
C SER A 9 -3.13 13.25 -5.22
N LEU A 10 -3.36 11.94 -5.40
CA LEU A 10 -3.93 11.39 -6.63
C LEU A 10 -5.32 10.82 -6.30
N PRO A 11 -6.21 10.70 -7.28
CA PRO A 11 -7.52 10.12 -7.06
C PRO A 11 -7.37 8.66 -6.63
N ARG A 12 -8.34 8.14 -5.87
CA ARG A 12 -8.25 6.78 -5.36
C ARG A 12 -8.48 5.78 -6.51
N ALA A 13 -7.42 5.08 -6.89
CA ALA A 13 -7.41 4.07 -7.94
C ALA A 13 -7.10 2.71 -7.32
N THR A 14 -7.69 1.66 -7.89
CA THR A 14 -7.58 0.28 -7.45
C THR A 14 -7.24 -0.65 -8.62
N LYS A 15 -6.77 -1.86 -8.29
CA LYS A 15 -6.46 -2.91 -9.26
C LYS A 15 -6.82 -4.27 -8.66
N THR A 16 -7.13 -5.23 -9.53
CA THR A 16 -7.46 -6.60 -9.18
C THR A 16 -6.19 -7.44 -9.27
N CYS A 17 -5.44 -7.55 -8.17
CA CYS A 17 -4.22 -8.33 -8.14
C CYS A 17 -4.53 -9.81 -7.85
N VAL A 18 -3.50 -10.65 -7.94
CA VAL A 18 -3.57 -12.08 -7.72
C VAL A 18 -3.19 -12.42 -6.29
N GLU A 19 -2.09 -11.82 -5.81
CA GLU A 19 -1.58 -12.07 -4.46
C GLU A 19 -2.66 -11.84 -3.43
N ASN A 20 -2.57 -12.61 -2.34
CA ASN A 20 -3.47 -12.46 -1.21
C ASN A 20 -3.15 -11.17 -0.46
N THR A 21 -1.89 -10.72 -0.48
CA THR A 21 -1.43 -9.60 0.30
C THR A 21 -1.22 -8.35 -0.56
N CYS A 22 -1.31 -7.18 0.07
CA CYS A 22 -1.04 -5.88 -0.54
C CYS A 22 -0.46 -5.00 0.55
N TYR A 23 -0.07 -3.79 0.17
CA TYR A 23 0.51 -2.84 1.09
C TYR A 23 0.18 -1.41 0.71
N LYS A 24 0.49 -0.55 1.68
CA LYS A 24 0.53 0.89 1.55
C LYS A 24 1.87 1.31 2.12
N MET A 25 2.61 2.14 1.39
CA MET A 25 3.92 2.61 1.81
C MET A 25 3.81 4.05 2.28
N PHE A 26 4.36 4.35 3.46
CA PHE A 26 4.42 5.69 4.03
C PHE A 26 5.83 5.89 4.59
N ILE A 27 6.10 7.04 5.20
CA ILE A 27 7.40 7.32 5.78
C ILE A 27 7.36 6.85 7.23
N ARG A 28 8.44 6.22 7.72
CA ARG A 28 8.51 5.69 9.08
C ARG A 28 8.13 6.73 10.13
N THR A 29 8.44 8.01 9.88
CA THR A 29 8.14 9.12 10.76
C THR A 29 6.81 9.79 10.42
N HIS A 30 6.22 9.54 9.24
CA HIS A 30 4.98 10.18 8.79
C HIS A 30 4.07 9.12 8.16
N ARG A 31 3.27 8.49 9.01
CA ARG A 31 2.33 7.46 8.62
C ARG A 31 1.23 8.06 7.74
N GLU A 32 0.75 9.25 8.13
CA GLU A 32 -0.32 9.97 7.45
C GLU A 32 0.18 10.66 6.18
N TYR A 33 0.87 9.91 5.32
CA TYR A 33 1.38 10.35 4.04
C TYR A 33 1.65 9.11 3.20
N ILE A 34 0.75 8.80 2.26
CA ILE A 34 0.92 7.61 1.44
C ILE A 34 1.94 7.93 0.35
N SER A 35 3.12 7.36 0.50
CA SER A 35 4.27 7.49 -0.38
C SER A 35 4.11 6.59 -1.60
N GLU A 36 3.60 5.38 -1.38
CA GLU A 36 3.35 4.39 -2.43
C GLU A 36 2.24 3.44 -1.95
N ARG A 37 1.88 2.47 -2.78
CA ARG A 37 0.95 1.39 -2.50
C ARG A 37 1.31 0.29 -3.47
N GLY A 38 0.87 -0.93 -3.18
CA GLY A 38 1.09 -2.01 -4.13
C GLY A 38 0.57 -3.35 -3.66
N CYS A 39 0.85 -4.37 -4.47
CA CYS A 39 0.42 -5.75 -4.29
C CYS A 39 1.60 -6.62 -3.85
N GLY A 40 1.32 -7.71 -3.13
CA GLY A 40 2.31 -8.66 -2.64
C GLY A 40 3.36 -8.00 -1.78
N CYS A 41 2.87 -7.70 -0.59
CA CYS A 41 3.52 -7.06 0.55
C CYS A 41 5.04 -7.30 0.63
N PRO A 42 5.87 -6.29 0.28
CA PRO A 42 7.31 -6.34 0.40
C PRO A 42 7.78 -5.53 1.61
N THR A 43 9.05 -5.70 1.94
CA THR A 43 9.71 -4.97 3.02
C THR A 43 10.09 -3.58 2.50
N ALA A 44 10.26 -2.60 3.41
CA ALA A 44 10.68 -1.25 3.09
C ALA A 44 11.56 -0.75 4.23
N MET A 45 12.64 -0.04 3.89
CA MET A 45 13.61 0.48 4.81
C MET A 45 13.50 2.00 4.89
N TRP A 46 14.03 2.56 5.98
CA TRP A 46 14.07 4.00 6.22
C TRP A 46 14.56 4.71 4.95
N PRO A 47 13.93 5.81 4.51
CA PRO A 47 12.87 6.54 5.19
C PRO A 47 11.48 5.89 5.13
N TYR A 48 11.27 4.89 4.27
CA TYR A 48 9.94 4.32 4.07
C TYR A 48 9.63 3.16 5.01
N GLN A 49 8.33 2.84 5.09
CA GLN A 49 7.80 1.70 5.79
C GLN A 49 6.55 1.27 5.01
N THR A 50 6.37 -0.03 4.85
CA THR A 50 5.21 -0.65 4.22
C THR A 50 4.31 -1.25 5.30
N GLU A 51 3.06 -0.79 5.41
CA GLU A 51 2.10 -1.41 6.29
C GLU A 51 1.34 -2.32 5.32
N CYS A 52 1.21 -3.60 5.66
CA CYS A 52 0.65 -4.60 4.80
C CYS A 52 -0.68 -5.13 5.31
N CYS A 53 -1.46 -5.73 4.41
CA CYS A 53 -2.77 -6.31 4.74
C CYS A 53 -3.15 -7.30 3.65
N LYS A 54 -4.14 -8.15 3.93
CA LYS A 54 -4.64 -9.16 3.03
C LYS A 54 -6.17 -9.16 3.08
N GLY A 55 -6.81 -8.44 2.16
CA GLY A 55 -8.25 -8.38 2.06
C GLY A 55 -8.62 -7.46 0.91
N ASP A 56 -9.80 -7.69 0.34
CA ASP A 56 -10.29 -6.87 -0.76
C ASP A 56 -10.46 -5.45 -0.23
N ARG A 57 -9.89 -4.48 -0.94
CA ARG A 57 -9.81 -3.08 -0.60
C ARG A 57 -9.25 -2.86 0.82
N CYS A 58 -8.36 -3.74 1.32
CA CYS A 58 -7.81 -3.59 2.67
C CYS A 58 -6.85 -2.40 2.77
N ASN A 59 -5.97 -2.19 1.78
CA ASN A 59 -4.96 -1.13 1.83
C ASN A 59 -5.58 0.22 1.42
N LYS A 60 -6.70 0.56 2.06
CA LYS A 60 -7.47 1.77 1.82
C LYS A 60 -6.66 3.03 2.11
N ARG A 1 -6.91 -10.37 -6.64
CA ARG A 1 -7.05 -9.47 -5.49
C ARG A 1 -7.01 -8.02 -5.98
N ILE A 2 -7.81 -7.13 -5.40
CA ILE A 2 -7.77 -5.70 -5.72
C ILE A 2 -7.03 -5.01 -4.59
N CYS A 3 -6.14 -4.06 -4.87
CA CYS A 3 -5.42 -3.31 -3.85
C CYS A 3 -5.49 -1.84 -4.25
N TYR A 4 -5.41 -0.93 -3.29
CA TYR A 4 -5.41 0.49 -3.61
C TYR A 4 -4.05 0.82 -4.23
N SER A 5 -4.00 1.85 -5.08
CA SER A 5 -2.79 2.25 -5.79
C SER A 5 -2.39 3.68 -5.46
N HIS A 6 -3.32 4.62 -5.65
CA HIS A 6 -3.10 6.05 -5.45
C HIS A 6 -2.32 6.34 -4.16
N LYS A 7 -1.21 7.08 -4.28
CA LYS A 7 -0.31 7.42 -3.18
C LYS A 7 -0.87 8.57 -2.33
N ALA A 8 -2.12 8.43 -1.86
CA ALA A 8 -2.87 9.34 -1.01
C ALA A 8 -2.63 10.83 -1.33
N SER A 9 -2.57 11.17 -2.61
CA SER A 9 -2.40 12.55 -3.08
C SER A 9 -2.85 12.67 -4.55
N LEU A 10 -3.79 11.80 -4.92
CA LEU A 10 -4.39 11.67 -6.24
C LEU A 10 -5.80 11.13 -5.99
N PRO A 11 -6.72 11.19 -6.97
CA PRO A 11 -8.05 10.62 -6.82
C PRO A 11 -7.96 9.14 -6.42
N ARG A 12 -9.00 8.62 -5.76
CA ARG A 12 -8.98 7.24 -5.31
C ARG A 12 -8.88 6.30 -6.51
N ALA A 13 -7.80 5.52 -6.58
CA ALA A 13 -7.53 4.57 -7.63
C ALA A 13 -6.95 3.30 -7.01
N THR A 14 -7.17 2.18 -7.71
CA THR A 14 -6.75 0.84 -7.33
C THR A 14 -5.79 0.25 -8.37
N LYS A 15 -5.30 -0.95 -8.09
CA LYS A 15 -4.45 -1.78 -8.93
C LYS A 15 -4.81 -3.24 -8.68
N THR A 16 -4.71 -4.07 -9.71
CA THR A 16 -4.97 -5.50 -9.65
C THR A 16 -3.73 -6.18 -9.08
N CYS A 17 -3.93 -7.24 -8.29
CA CYS A 17 -2.88 -7.98 -7.63
C CYS A 17 -3.19 -9.47 -7.64
N VAL A 18 -2.14 -10.29 -7.66
CA VAL A 18 -2.25 -11.73 -7.67
C VAL A 18 -2.35 -12.27 -6.25
N GLU A 19 -1.45 -11.83 -5.35
CA GLU A 19 -1.43 -12.29 -3.97
C GLU A 19 -2.71 -11.93 -3.23
N ASN A 20 -2.96 -12.68 -2.16
CA ASN A 20 -4.09 -12.48 -1.28
C ASN A 20 -3.93 -11.19 -0.47
N THR A 21 -2.68 -10.77 -0.24
CA THR A 21 -2.36 -9.63 0.60
C THR A 21 -2.00 -8.41 -0.22
N CYS A 22 -2.31 -7.24 0.34
CA CYS A 22 -1.94 -5.94 -0.17
C CYS A 22 -1.06 -5.30 0.89
N TYR A 23 -0.41 -4.19 0.52
CA TYR A 23 0.34 -3.38 1.45
C TYR A 23 0.09 -1.93 1.14
N LYS A 24 0.47 -1.14 2.13
CA LYS A 24 0.54 0.30 2.03
C LYS A 24 1.83 0.73 2.70
N MET A 25 2.65 1.46 1.94
CA MET A 25 3.97 1.93 2.31
C MET A 25 3.92 3.41 2.67
N PHE A 26 4.25 3.72 3.92
CA PHE A 26 4.32 5.07 4.46
C PHE A 26 5.79 5.39 4.76
N ILE A 27 6.09 6.64 5.12
CA ILE A 27 7.45 7.08 5.41
C ILE A 27 7.61 7.09 6.93
N ARG A 28 8.80 6.76 7.43
CA ARG A 28 9.05 6.69 8.86
C ARG A 28 8.64 7.97 9.59
N THR A 29 8.91 9.13 8.98
CA THR A 29 8.53 10.43 9.49
C THR A 29 7.04 10.66 9.20
N HIS A 30 6.69 10.63 7.91
CA HIS A 30 5.34 10.87 7.42
C HIS A 30 4.56 9.58 7.49
N ARG A 31 4.27 9.16 8.73
CA ARG A 31 3.56 7.93 9.03
C ARG A 31 2.13 8.02 8.50
N GLU A 32 1.45 9.12 8.83
CA GLU A 32 0.09 9.39 8.42
C GLU A 32 0.01 9.85 6.96
N TYR A 33 0.71 9.15 6.06
CA TYR A 33 0.74 9.43 4.64
C TYR A 33 1.19 8.17 3.91
N ILE A 34 0.47 7.77 2.86
CA ILE A 34 0.78 6.58 2.08
C ILE A 34 1.57 7.03 0.85
N SER A 35 2.86 6.67 0.80
CA SER A 35 3.77 7.01 -0.27
C SER A 35 3.61 6.10 -1.46
N GLU A 36 3.42 4.81 -1.18
CA GLU A 36 3.26 3.78 -2.20
C GLU A 36 2.28 2.73 -1.68
N ARG A 37 1.69 1.93 -2.59
CA ARG A 37 0.83 0.81 -2.24
C ARG A 37 1.11 -0.33 -3.19
N GLY A 38 0.74 -1.54 -2.78
CA GLY A 38 0.96 -2.66 -3.69
C GLY A 38 0.49 -4.04 -3.22
N CYS A 39 0.95 -5.05 -3.95
CA CYS A 39 0.64 -6.46 -3.82
C CYS A 39 1.63 -7.21 -2.93
N GLY A 40 1.19 -8.30 -2.29
CA GLY A 40 1.99 -9.22 -1.51
C GLY A 40 3.18 -8.60 -0.78
N CYS A 41 2.74 -7.85 0.20
CA CYS A 41 3.47 -7.02 1.16
C CYS A 41 4.93 -7.42 1.39
N PRO A 42 5.89 -6.77 0.71
CA PRO A 42 7.30 -7.01 0.88
C PRO A 42 7.88 -6.06 1.94
N THR A 43 9.17 -6.26 2.24
CA THR A 43 9.89 -5.40 3.15
C THR A 43 10.07 -4.02 2.48
N ALA A 44 10.15 -2.97 3.28
CA ALA A 44 10.33 -1.60 2.80
C ALA A 44 11.79 -1.19 2.93
N MET A 45 12.27 -0.41 1.95
CA MET A 45 13.60 0.14 1.95
C MET A 45 13.59 1.35 2.90
N TRP A 46 14.72 1.71 3.49
CA TRP A 46 14.73 2.88 4.37
C TRP A 46 14.54 4.14 3.51
N PRO A 47 13.84 5.20 3.96
CA PRO A 47 13.18 5.35 5.26
C PRO A 47 11.67 5.10 5.17
N TYR A 48 11.26 4.02 4.49
CA TYR A 48 9.86 3.66 4.34
C TYR A 48 9.50 2.49 5.25
N GLN A 49 8.20 2.27 5.45
CA GLN A 49 7.64 1.18 6.22
C GLN A 49 6.36 0.69 5.55
N THR A 50 6.30 -0.61 5.23
CA THR A 50 5.15 -1.27 4.66
C THR A 50 4.30 -1.91 5.76
N GLU A 51 3.01 -1.60 5.80
CA GLU A 51 2.06 -2.29 6.66
C GLU A 51 1.14 -3.06 5.70
N CYS A 52 0.89 -4.33 6.01
CA CYS A 52 0.16 -5.26 5.16
C CYS A 52 -1.30 -5.44 5.60
N CYS A 53 -2.11 -6.02 4.73
CA CYS A 53 -3.49 -6.43 5.00
C CYS A 53 -3.91 -7.45 3.96
N LYS A 54 -5.06 -8.11 4.15
CA LYS A 54 -5.62 -9.09 3.25
C LYS A 54 -7.05 -8.68 2.89
N GLY A 55 -7.49 -9.01 1.67
CA GLY A 55 -8.83 -8.73 1.17
C GLY A 55 -8.82 -7.56 0.18
N ASP A 56 -9.79 -7.58 -0.74
CA ASP A 56 -9.89 -6.57 -1.75
C ASP A 56 -9.94 -5.19 -1.13
N ARG A 57 -9.19 -4.31 -1.76
CA ARG A 57 -8.87 -2.95 -1.40
C ARG A 57 -8.77 -2.75 0.12
N CYS A 58 -8.21 -3.72 0.86
CA CYS A 58 -8.06 -3.63 2.31
C CYS A 58 -7.11 -2.51 2.73
N ASN A 59 -6.13 -2.20 1.89
CA ASN A 59 -5.08 -1.22 2.16
C ASN A 59 -5.60 0.19 1.92
N LYS A 60 -6.64 0.55 2.65
CA LYS A 60 -7.28 1.86 2.62
C LYS A 60 -6.28 2.95 3.01
N ARG A 1 -5.36 -9.71 -5.30
CA ARG A 1 -6.40 -9.11 -4.46
C ARG A 1 -6.75 -7.73 -5.04
N ILE A 2 -7.94 -7.19 -4.82
CA ILE A 2 -8.31 -5.85 -5.32
C ILE A 2 -7.70 -4.83 -4.39
N CYS A 3 -6.72 -4.03 -4.83
CA CYS A 3 -6.12 -3.02 -3.94
C CYS A 3 -5.73 -1.78 -4.74
N TYR A 4 -5.80 -0.63 -4.06
CA TYR A 4 -5.51 0.68 -4.64
C TYR A 4 -4.01 0.84 -4.86
N SER A 5 -3.54 0.14 -5.88
CA SER A 5 -2.14 0.13 -6.24
C SER A 5 -1.75 1.42 -6.95
N HIS A 6 -1.38 2.45 -6.18
CA HIS A 6 -0.99 3.75 -6.69
C HIS A 6 -0.14 4.49 -5.66
N LYS A 7 0.52 5.56 -6.13
CA LYS A 7 1.25 6.47 -5.26
C LYS A 7 0.20 7.47 -4.74
N ALA A 8 0.40 8.01 -3.54
CA ALA A 8 -0.58 8.87 -2.88
C ALA A 8 -0.66 10.29 -3.47
N SER A 9 -0.85 10.42 -4.79
CA SER A 9 -1.06 11.70 -5.47
C SER A 9 -2.55 11.89 -5.81
N LEU A 10 -3.39 11.08 -5.17
CA LEU A 10 -4.84 11.03 -5.24
C LEU A 10 -5.46 10.62 -6.60
N PRO A 11 -4.79 9.96 -7.58
CA PRO A 11 -5.50 9.52 -8.78
C PRO A 11 -6.54 8.45 -8.45
N ARG A 12 -6.01 7.52 -7.69
CA ARG A 12 -6.59 6.32 -7.13
C ARG A 12 -6.80 5.28 -8.23
N ALA A 13 -6.02 4.19 -8.21
CA ALA A 13 -6.06 3.14 -9.21
C ALA A 13 -6.15 1.77 -8.53
N THR A 14 -7.33 1.17 -8.53
CA THR A 14 -7.54 -0.15 -7.97
C THR A 14 -7.18 -1.21 -9.00
N LYS A 15 -6.23 -2.10 -8.68
CA LYS A 15 -5.88 -3.19 -9.59
C LYS A 15 -6.20 -4.52 -8.93
N THR A 16 -6.56 -5.50 -9.77
CA THR A 16 -6.86 -6.87 -9.36
C THR A 16 -5.55 -7.63 -9.42
N CYS A 17 -4.79 -7.64 -8.31
CA CYS A 17 -3.50 -8.33 -8.32
C CYS A 17 -3.72 -9.83 -8.14
N VAL A 18 -2.64 -10.59 -8.25
CA VAL A 18 -2.63 -12.04 -8.08
C VAL A 18 -2.44 -12.38 -6.60
N GLU A 19 -1.56 -11.67 -5.89
CA GLU A 19 -1.28 -11.92 -4.50
C GLU A 19 -2.53 -11.81 -3.65
N ASN A 20 -2.54 -12.58 -2.56
CA ASN A 20 -3.59 -12.55 -1.57
C ASN A 20 -3.46 -11.30 -0.69
N THR A 21 -2.25 -10.78 -0.56
CA THR A 21 -1.95 -9.68 0.34
C THR A 21 -1.81 -8.38 -0.44
N CYS A 22 -1.72 -7.27 0.30
CA CYS A 22 -1.51 -5.91 -0.20
C CYS A 22 -0.76 -5.17 0.90
N TYR A 23 -0.49 -3.89 0.67
CA TYR A 23 0.20 -3.05 1.63
C TYR A 23 -0.23 -1.61 1.46
N LYS A 24 0.20 -0.85 2.47
CA LYS A 24 0.17 0.60 2.43
C LYS A 24 1.54 1.07 2.94
N MET A 25 2.20 1.86 2.09
CA MET A 25 3.55 2.37 2.29
C MET A 25 3.48 3.79 2.83
N PHE A 26 4.16 4.04 3.95
CA PHE A 26 4.21 5.31 4.65
C PHE A 26 5.65 5.66 4.97
N ILE A 27 5.93 6.93 5.28
CA ILE A 27 7.27 7.34 5.69
C ILE A 27 7.42 6.94 7.15
N ARG A 28 8.41 6.11 7.46
CA ARG A 28 8.64 5.58 8.81
C ARG A 28 8.59 6.69 9.86
N THR A 29 9.41 7.72 9.63
CA THR A 29 9.58 8.86 10.50
C THR A 29 8.32 9.74 10.59
N HIS A 30 7.38 9.62 9.66
CA HIS A 30 6.15 10.38 9.61
C HIS A 30 5.00 9.40 9.45
N ARG A 31 4.79 8.59 10.48
CA ARG A 31 3.77 7.54 10.51
C ARG A 31 2.44 7.96 9.87
N GLU A 32 1.98 9.15 10.20
CA GLU A 32 0.71 9.71 9.76
C GLU A 32 0.80 10.29 8.35
N TYR A 33 1.35 9.52 7.40
CA TYR A 33 1.47 9.92 6.01
C TYR A 33 1.68 8.69 5.12
N ILE A 34 0.59 8.25 4.48
CA ILE A 34 0.65 7.16 3.51
C ILE A 34 1.16 7.78 2.21
N SER A 35 2.26 7.27 1.68
CA SER A 35 2.91 7.78 0.47
C SER A 35 2.56 6.92 -0.75
N GLU A 36 2.29 5.63 -0.56
CA GLU A 36 1.96 4.74 -1.67
C GLU A 36 1.15 3.57 -1.13
N ARG A 37 0.50 2.80 -2.00
CA ARG A 37 -0.22 1.60 -1.67
C ARG A 37 0.01 0.57 -2.77
N GLY A 38 -0.16 -0.72 -2.46
CA GLY A 38 0.10 -1.73 -3.48
C GLY A 38 -0.21 -3.16 -3.09
N CYS A 39 0.23 -4.08 -3.97
CA CYS A 39 -0.01 -5.52 -3.93
C CYS A 39 1.08 -6.29 -3.16
N GLY A 40 0.68 -7.41 -2.55
CA GLY A 40 1.46 -8.35 -1.74
C GLY A 40 2.77 -7.80 -1.18
N CYS A 41 2.59 -7.01 -0.12
CA CYS A 41 3.56 -6.32 0.72
C CYS A 41 5.03 -6.72 0.59
N PRO A 42 5.81 -6.00 -0.24
CA PRO A 42 7.24 -6.20 -0.33
C PRO A 42 7.94 -5.39 0.75
N THR A 43 9.23 -5.66 0.92
CA THR A 43 10.07 -4.97 1.88
C THR A 43 10.25 -3.51 1.46
N ALA A 44 10.51 -2.62 2.42
CA ALA A 44 10.76 -1.21 2.20
C ALA A 44 11.75 -0.76 3.27
N MET A 45 12.51 0.30 2.98
CA MET A 45 13.55 0.84 3.84
C MET A 45 13.38 2.35 3.94
N TRP A 46 13.98 2.93 4.99
CA TRP A 46 13.95 4.35 5.28
C TRP A 46 14.28 5.13 3.99
N PRO A 47 13.53 6.20 3.64
CA PRO A 47 12.50 6.87 4.43
C PRO A 47 11.20 6.08 4.60
N TYR A 48 10.93 5.08 3.75
CA TYR A 48 9.66 4.38 3.76
C TYR A 48 9.63 3.13 4.61
N GLN A 49 8.40 2.69 4.89
CA GLN A 49 8.12 1.38 5.43
C GLN A 49 6.72 0.99 4.95
N THR A 50 6.52 -0.30 4.78
CA THR A 50 5.29 -0.92 4.31
C THR A 50 4.59 -1.65 5.44
N GLU A 51 3.35 -1.28 5.75
CA GLU A 51 2.52 -2.04 6.67
C GLU A 51 1.61 -2.85 5.75
N CYS A 52 1.69 -4.17 5.89
CA CYS A 52 0.99 -5.11 5.04
C CYS A 52 -0.47 -5.27 5.46
N CYS A 53 -1.28 -5.86 4.59
CA CYS A 53 -2.67 -6.18 4.85
C CYS A 53 -3.13 -7.25 3.86
N LYS A 54 -4.41 -7.65 3.97
CA LYS A 54 -5.09 -8.60 3.13
C LYS A 54 -6.55 -8.14 3.06
N GLY A 55 -7.31 -8.67 2.10
CA GLY A 55 -8.71 -8.34 1.92
C GLY A 55 -8.88 -7.27 0.85
N ASP A 56 -9.94 -7.46 0.06
CA ASP A 56 -10.20 -6.57 -1.06
C ASP A 56 -10.44 -5.19 -0.52
N ARG A 57 -9.98 -4.25 -1.32
CA ARG A 57 -9.91 -2.82 -1.03
C ARG A 57 -9.48 -2.57 0.44
N CYS A 58 -8.54 -3.36 1.01
CA CYS A 58 -8.03 -3.09 2.37
C CYS A 58 -7.64 -1.62 2.47
N ASN A 59 -6.89 -1.17 1.47
CA ASN A 59 -6.39 0.18 1.34
C ASN A 59 -7.44 0.94 0.53
N LYS A 60 -8.58 1.19 1.18
CA LYS A 60 -9.73 1.86 0.62
C LYS A 60 -9.45 3.29 0.15
N ARG A 1 -5.70 -10.28 -4.99
CA ARG A 1 -6.69 -9.38 -4.37
C ARG A 1 -6.63 -8.00 -5.05
N ILE A 2 -7.68 -7.18 -4.86
CA ILE A 2 -7.72 -5.81 -5.34
C ILE A 2 -6.91 -4.98 -4.37
N CYS A 3 -5.95 -4.19 -4.83
CA CYS A 3 -5.13 -3.35 -3.98
C CYS A 3 -5.00 -1.97 -4.61
N TYR A 4 -4.92 -0.94 -3.77
CA TYR A 4 -4.70 0.42 -4.21
C TYR A 4 -3.19 0.60 -4.38
N SER A 5 -2.78 1.53 -5.24
CA SER A 5 -1.37 1.83 -5.48
C SER A 5 -1.09 3.31 -5.24
N HIS A 6 -1.96 4.21 -5.72
CA HIS A 6 -1.81 5.64 -5.47
C HIS A 6 -1.80 5.93 -3.97
N LYS A 7 -0.90 6.79 -3.49
CA LYS A 7 -0.85 7.17 -2.08
C LYS A 7 -2.14 7.90 -1.66
N ALA A 8 -2.80 8.57 -2.61
CA ALA A 8 -4.06 9.27 -2.40
C ALA A 8 -5.17 8.32 -2.82
N SER A 9 -6.07 7.97 -1.90
CA SER A 9 -7.12 6.99 -2.18
C SER A 9 -8.28 7.62 -2.96
N LEU A 10 -7.97 8.02 -4.20
CA LEU A 10 -8.90 8.58 -5.18
C LEU A 10 -8.84 7.59 -6.35
N PRO A 11 -9.72 6.57 -6.39
CA PRO A 11 -9.71 5.50 -7.36
C PRO A 11 -9.24 5.87 -8.77
N ARG A 12 -8.10 5.29 -9.14
CA ARG A 12 -7.42 5.45 -10.41
C ARG A 12 -6.32 4.38 -10.44
N ALA A 13 -5.21 4.65 -9.77
CA ALA A 13 -4.10 3.69 -9.68
C ALA A 13 -4.46 2.65 -8.61
N THR A 14 -5.33 1.73 -9.00
CA THR A 14 -5.84 0.60 -8.26
C THR A 14 -5.71 -0.61 -9.16
N LYS A 15 -5.22 -1.75 -8.69
CA LYS A 15 -4.99 -2.92 -9.54
C LYS A 15 -5.46 -4.23 -8.89
N THR A 16 -5.73 -5.21 -9.76
CA THR A 16 -6.14 -6.55 -9.40
C THR A 16 -4.90 -7.43 -9.41
N CYS A 17 -4.29 -7.64 -8.25
CA CYS A 17 -3.09 -8.47 -8.12
C CYS A 17 -3.51 -9.89 -7.78
N VAL A 18 -2.56 -10.84 -7.85
CA VAL A 18 -2.83 -12.21 -7.49
C VAL A 18 -2.86 -12.32 -5.96
N GLU A 19 -1.80 -11.83 -5.29
CA GLU A 19 -1.62 -11.90 -3.85
C GLU A 19 -2.87 -11.51 -3.07
N ASN A 20 -3.09 -12.24 -1.98
CA ASN A 20 -4.20 -11.98 -1.08
C ASN A 20 -3.95 -10.71 -0.27
N THR A 21 -2.69 -10.31 -0.13
CA THR A 21 -2.30 -9.19 0.71
C THR A 21 -1.97 -7.96 -0.11
N CYS A 22 -2.20 -6.79 0.50
CA CYS A 22 -1.87 -5.48 -0.03
C CYS A 22 -1.02 -4.80 1.03
N TYR A 23 -0.42 -3.67 0.68
CA TYR A 23 0.36 -2.88 1.61
C TYR A 23 0.15 -1.41 1.33
N LYS A 24 0.60 -0.65 2.33
CA LYS A 24 0.73 0.80 2.25
C LYS A 24 2.08 1.16 2.85
N MET A 25 2.86 1.94 2.08
CA MET A 25 4.18 2.41 2.42
C MET A 25 4.11 3.88 2.81
N PHE A 26 4.74 4.22 3.93
CA PHE A 26 4.80 5.54 4.53
C PHE A 26 6.24 5.84 4.90
N ILE A 27 6.52 7.09 5.26
CA ILE A 27 7.85 7.46 5.71
C ILE A 27 7.98 6.90 7.12
N ARG A 28 9.12 6.29 7.43
CA ARG A 28 9.35 5.60 8.69
C ARG A 28 9.20 6.55 9.89
N THR A 29 9.82 7.73 9.79
CA THR A 29 9.74 8.75 10.80
C THR A 29 8.32 9.34 10.79
N HIS A 30 7.95 9.93 9.66
CA HIS A 30 6.65 10.57 9.48
C HIS A 30 5.61 9.48 9.15
N ARG A 31 5.36 8.63 10.14
CA ARG A 31 4.42 7.52 10.07
C ARG A 31 3.08 7.91 9.47
N GLU A 32 2.52 9.02 9.95
CA GLU A 32 1.22 9.52 9.53
C GLU A 32 1.29 10.23 8.17
N TYR A 33 1.84 9.55 7.16
CA TYR A 33 1.92 10.04 5.79
C TYR A 33 2.14 8.86 4.86
N ILE A 34 1.13 8.53 4.05
CA ILE A 34 1.25 7.45 3.09
C ILE A 34 2.02 7.98 1.89
N SER A 35 3.11 7.30 1.55
CA SER A 35 4.00 7.61 0.45
C SER A 35 3.52 6.93 -0.83
N GLU A 36 3.12 5.65 -0.75
CA GLU A 36 2.60 4.91 -1.90
C GLU A 36 1.98 3.61 -1.40
N ARG A 37 1.35 2.82 -2.27
CA ARG A 37 0.76 1.54 -1.90
C ARG A 37 1.10 0.44 -2.90
N GLY A 38 0.78 -0.81 -2.56
CA GLY A 38 1.02 -1.90 -3.49
C GLY A 38 0.46 -3.24 -3.02
N CYS A 39 0.92 -4.32 -3.66
CA CYS A 39 0.47 -5.70 -3.49
C CYS A 39 1.54 -6.59 -2.86
N GLY A 40 1.11 -7.69 -2.21
CA GLY A 40 1.99 -8.72 -1.64
C GLY A 40 3.16 -8.16 -0.84
N CYS A 41 2.71 -7.40 0.13
CA CYS A 41 3.43 -6.62 1.13
C CYS A 41 4.87 -7.04 1.43
N PRO A 42 5.87 -6.41 0.78
CA PRO A 42 7.27 -6.61 1.09
C PRO A 42 7.69 -5.56 2.12
N THR A 43 8.91 -5.72 2.66
CA THR A 43 9.49 -4.74 3.57
C THR A 43 10.09 -3.61 2.72
N ALA A 44 10.16 -2.39 3.26
CA ALA A 44 10.73 -1.24 2.55
C ALA A 44 11.97 -0.74 3.30
N MET A 45 12.87 -0.08 2.57
CA MET A 45 14.13 0.42 3.07
C MET A 45 13.98 1.86 3.59
N TRP A 46 14.95 2.28 4.41
CA TRP A 46 14.97 3.63 4.98
C TRP A 46 15.00 4.64 3.83
N PRO A 47 14.33 5.81 3.92
CA PRO A 47 13.60 6.32 5.08
C PRO A 47 12.13 5.89 5.09
N TYR A 48 11.74 4.80 4.43
CA TYR A 48 10.35 4.36 4.38
C TYR A 48 10.14 3.08 5.16
N GLN A 49 8.87 2.77 5.40
CA GLN A 49 8.47 1.46 5.86
C GLN A 49 7.04 1.19 5.39
N THR A 50 6.78 -0.10 5.20
CA THR A 50 5.52 -0.66 4.77
C THR A 50 4.75 -1.30 5.93
N GLU A 51 3.43 -1.30 5.80
CA GLU A 51 2.52 -2.03 6.68
C GLU A 51 1.52 -2.71 5.76
N CYS A 52 1.17 -3.96 6.08
CA CYS A 52 0.35 -4.82 5.24
C CYS A 52 -1.11 -4.87 5.69
N CYS A 53 -1.95 -5.44 4.85
CA CYS A 53 -3.35 -5.76 5.14
C CYS A 53 -3.80 -6.82 4.14
N LYS A 54 -4.95 -7.45 4.39
CA LYS A 54 -5.58 -8.43 3.54
C LYS A 54 -7.03 -8.01 3.34
N GLY A 55 -7.59 -8.26 2.16
CA GLY A 55 -8.97 -7.91 1.82
C GLY A 55 -9.02 -6.99 0.61
N ASP A 56 -10.14 -7.01 -0.11
CA ASP A 56 -10.36 -6.20 -1.29
C ASP A 56 -10.18 -4.74 -0.91
N ARG A 57 -9.24 -4.07 -1.58
CA ARG A 57 -8.82 -2.71 -1.34
C ARG A 57 -8.68 -2.39 0.16
N CYS A 58 -8.18 -3.35 0.95
CA CYS A 58 -7.99 -3.15 2.37
C CYS A 58 -7.08 -1.94 2.62
N ASN A 59 -6.10 -1.73 1.74
CA ASN A 59 -5.15 -0.64 1.84
C ASN A 59 -5.77 0.65 1.30
N LYS A 60 -6.94 1.04 1.81
CA LYS A 60 -7.64 2.25 1.39
C LYS A 60 -7.20 3.44 2.25
N ARG A 1 -6.27 -10.20 -5.37
CA ARG A 1 -6.70 -9.11 -4.50
C ARG A 1 -6.56 -7.77 -5.23
N ILE A 2 -7.52 -6.86 -5.06
CA ILE A 2 -7.46 -5.51 -5.61
C ILE A 2 -6.60 -4.69 -4.64
N CYS A 3 -5.53 -4.04 -5.11
CA CYS A 3 -4.69 -3.21 -4.24
C CYS A 3 -4.35 -1.90 -4.94
N TYR A 4 -4.21 -0.83 -4.15
CA TYR A 4 -3.85 0.46 -4.70
C TYR A 4 -2.45 0.45 -5.32
N SER A 5 -2.33 1.09 -6.49
CA SER A 5 -1.09 1.35 -7.21
C SER A 5 -0.78 2.85 -7.20
N HIS A 6 -1.29 3.59 -6.21
CA HIS A 6 -1.19 5.03 -6.09
C HIS A 6 -1.18 5.37 -4.60
N LYS A 7 -0.48 6.45 -4.22
CA LYS A 7 -0.37 6.87 -2.83
C LYS A 7 -1.56 7.71 -2.37
N ALA A 8 -2.26 8.36 -3.30
CA ALA A 8 -3.40 9.19 -2.96
C ALA A 8 -4.48 8.29 -2.35
N SER A 9 -4.93 8.59 -1.12
CA SER A 9 -5.93 7.77 -0.43
C SER A 9 -7.32 8.10 -0.96
N LEU A 10 -7.55 7.75 -2.23
CA LEU A 10 -8.79 7.92 -2.98
C LEU A 10 -8.64 6.96 -4.16
N PRO A 11 -9.51 5.95 -4.33
CA PRO A 11 -9.36 4.98 -5.40
C PRO A 11 -9.20 5.63 -6.77
N ARG A 12 -8.09 5.34 -7.43
CA ARG A 12 -7.73 5.84 -8.74
C ARG A 12 -7.21 4.68 -9.60
N ALA A 13 -6.03 4.15 -9.26
CA ALA A 13 -5.39 3.04 -9.96
C ALA A 13 -5.27 1.83 -9.04
N THR A 14 -6.37 1.11 -8.82
CA THR A 14 -6.38 -0.10 -8.00
C THR A 14 -6.19 -1.30 -8.93
N LYS A 15 -5.09 -2.05 -8.77
CA LYS A 15 -4.78 -3.19 -9.65
C LYS A 15 -5.15 -4.54 -9.00
N THR A 16 -5.64 -5.46 -9.85
CA THR A 16 -6.03 -6.80 -9.49
C THR A 16 -4.81 -7.73 -9.46
N CYS A 17 -4.14 -7.83 -8.31
CA CYS A 17 -2.98 -8.70 -8.16
C CYS A 17 -3.42 -10.11 -7.81
N VAL A 18 -2.50 -11.08 -7.94
CA VAL A 18 -2.74 -12.48 -7.63
C VAL A 18 -2.85 -12.68 -6.11
N GLU A 19 -2.12 -11.86 -5.33
CA GLU A 19 -2.06 -11.94 -3.87
C GLU A 19 -3.44 -11.88 -3.22
N ASN A 20 -3.47 -12.20 -1.91
CA ASN A 20 -4.65 -12.14 -1.04
C ASN A 20 -4.57 -10.93 -0.10
N THR A 21 -3.47 -10.17 -0.15
CA THR A 21 -3.15 -9.07 0.73
C THR A 21 -2.62 -7.89 -0.09
N CYS A 22 -2.49 -6.72 0.53
CA CYS A 22 -1.93 -5.51 -0.03
C CYS A 22 -1.11 -4.83 1.04
N TYR A 23 -0.10 -4.04 0.67
CA TYR A 23 0.63 -3.20 1.59
C TYR A 23 0.39 -1.73 1.29
N LYS A 24 0.64 -0.93 2.32
CA LYS A 24 0.55 0.53 2.29
C LYS A 24 1.82 1.07 2.95
N MET A 25 2.60 1.84 2.19
CA MET A 25 3.91 2.36 2.56
C MET A 25 3.84 3.85 2.88
N PHE A 26 4.52 4.26 3.95
CA PHE A 26 4.62 5.61 4.48
C PHE A 26 6.07 5.87 4.88
N ILE A 27 6.41 7.11 5.24
CA ILE A 27 7.74 7.41 5.72
C ILE A 27 7.81 6.86 7.16
N ARG A 28 8.92 6.21 7.51
CA ARG A 28 9.13 5.58 8.80
C ARG A 28 8.77 6.49 9.96
N THR A 29 9.35 7.69 9.93
CA THR A 29 9.15 8.73 10.90
C THR A 29 7.78 9.38 10.69
N HIS A 30 7.53 9.91 9.49
CA HIS A 30 6.32 10.61 9.14
C HIS A 30 5.29 9.59 8.66
N ARG A 31 4.84 8.78 9.61
CA ARG A 31 3.87 7.71 9.39
C ARG A 31 2.58 8.26 8.81
N GLU A 32 2.20 9.47 9.22
CA GLU A 32 0.98 10.17 8.82
C GLU A 32 1.01 10.72 7.39
N TYR A 33 1.73 10.05 6.49
CA TYR A 33 1.87 10.40 5.09
C TYR A 33 2.04 9.13 4.27
N ILE A 34 1.12 8.86 3.34
CA ILE A 34 1.21 7.70 2.48
C ILE A 34 2.21 8.05 1.38
N SER A 35 3.24 7.22 1.25
CA SER A 35 4.31 7.36 0.29
C SER A 35 4.04 6.54 -0.97
N GLU A 36 3.62 5.28 -0.79
CA GLU A 36 3.36 4.36 -1.88
C GLU A 36 2.43 3.26 -1.37
N ARG A 37 1.91 2.42 -2.26
CA ARG A 37 1.06 1.28 -1.93
C ARG A 37 1.45 0.16 -2.88
N GLY A 38 1.25 -1.09 -2.47
CA GLY A 38 1.64 -2.23 -3.27
C GLY A 38 0.81 -3.46 -2.93
N CYS A 39 1.09 -4.56 -3.64
CA CYS A 39 0.38 -5.82 -3.49
C CYS A 39 1.13 -6.73 -2.52
N GLY A 40 0.37 -7.53 -1.76
CA GLY A 40 0.93 -8.46 -0.80
C GLY A 40 1.19 -7.80 0.56
N CYS A 41 2.46 -7.75 0.93
CA CYS A 41 3.02 -7.35 2.22
C CYS A 41 4.44 -6.80 1.85
N PRO A 42 5.18 -6.15 2.76
CA PRO A 42 6.39 -5.38 2.55
C PRO A 42 7.36 -5.64 1.40
N THR A 43 7.98 -4.52 1.04
CA THR A 43 9.05 -4.24 0.12
C THR A 43 9.20 -2.72 0.28
N ALA A 44 10.42 -2.22 0.46
CA ALA A 44 10.66 -0.80 0.74
C ALA A 44 12.17 -0.55 0.78
N MET A 45 12.55 0.71 0.96
CA MET A 45 13.91 1.20 1.11
C MET A 45 13.86 2.27 2.19
N TRP A 46 14.97 2.52 2.89
CA TRP A 46 15.00 3.55 3.92
C TRP A 46 14.79 4.92 3.23
N PRO A 47 14.12 5.90 3.85
CA PRO A 47 13.53 5.89 5.17
C PRO A 47 12.03 5.53 5.17
N TYR A 48 11.59 4.64 4.28
CA TYR A 48 10.19 4.22 4.29
C TYR A 48 9.97 3.05 5.22
N GLN A 49 8.70 2.82 5.53
CA GLN A 49 8.23 1.65 6.23
C GLN A 49 6.83 1.42 5.69
N THR A 50 6.41 0.17 5.65
CA THR A 50 5.10 -0.23 5.19
C THR A 50 4.47 -1.22 6.15
N GLU A 51 3.16 -1.41 5.96
CA GLU A 51 2.36 -2.38 6.71
C GLU A 51 1.37 -3.03 5.74
N CYS A 52 0.91 -4.24 6.06
CA CYS A 52 0.04 -5.05 5.22
C CYS A 52 -1.42 -4.96 5.65
N CYS A 53 -2.30 -5.45 4.78
CA CYS A 53 -3.74 -5.56 5.00
C CYS A 53 -4.30 -6.57 4.02
N LYS A 54 -5.53 -7.05 4.25
CA LYS A 54 -6.26 -7.93 3.38
C LYS A 54 -7.66 -7.35 3.25
N GLY A 55 -8.33 -7.63 2.13
CA GLY A 55 -9.64 -7.10 1.77
C GLY A 55 -9.43 -6.25 0.52
N ASP A 56 -10.26 -6.44 -0.51
CA ASP A 56 -10.11 -5.71 -1.75
C ASP A 56 -10.08 -4.22 -1.47
N ARG A 57 -9.06 -3.55 -2.03
CA ARG A 57 -8.72 -2.15 -1.80
C ARG A 57 -8.73 -1.82 -0.30
N CYS A 58 -8.16 -2.69 0.54
CA CYS A 58 -8.02 -2.45 1.98
C CYS A 58 -7.08 -1.28 2.24
N ASN A 59 -6.08 -1.07 1.38
CA ASN A 59 -5.17 0.05 1.50
C ASN A 59 -5.86 1.28 0.92
N LYS A 60 -6.92 1.71 1.62
CA LYS A 60 -7.79 2.82 1.29
C LYS A 60 -7.09 4.16 1.46
N ARG A 1 -6.34 -9.86 -4.46
CA ARG A 1 -7.55 -9.41 -5.16
C ARG A 1 -7.42 -7.90 -5.40
N ILE A 2 -8.42 -7.13 -5.01
CA ILE A 2 -8.46 -5.69 -5.26
C ILE A 2 -7.51 -5.01 -4.29
N CYS A 3 -6.58 -4.21 -4.82
CA CYS A 3 -5.60 -3.46 -4.03
C CYS A 3 -5.35 -2.12 -4.68
N TYR A 4 -5.02 -1.11 -3.87
CA TYR A 4 -4.65 0.20 -4.36
C TYR A 4 -3.15 0.19 -4.62
N SER A 5 -2.65 1.17 -5.37
CA SER A 5 -1.22 1.26 -5.69
C SER A 5 -0.73 2.71 -5.76
N HIS A 6 -1.62 3.64 -6.09
CA HIS A 6 -1.37 5.07 -6.20
C HIS A 6 -0.68 5.67 -4.97
N LYS A 7 -0.11 6.85 -5.18
CA LYS A 7 0.38 7.67 -4.07
C LYS A 7 -0.84 8.16 -3.30
N ALA A 8 -0.65 8.82 -2.15
CA ALA A 8 -1.71 9.35 -1.28
C ALA A 8 -2.88 9.95 -2.07
N SER A 9 -3.92 9.14 -2.35
CA SER A 9 -5.10 9.53 -3.11
C SER A 9 -6.22 8.53 -2.79
N LEU A 10 -6.93 8.11 -3.83
CA LEU A 10 -8.08 7.20 -3.78
C LEU A 10 -8.34 6.66 -5.20
N PRO A 11 -8.63 7.51 -6.19
CA PRO A 11 -8.78 7.08 -7.57
C PRO A 11 -7.39 6.94 -8.19
N ARG A 12 -7.35 6.39 -9.41
CA ARG A 12 -6.18 6.19 -10.27
C ARG A 12 -5.59 4.78 -10.08
N ALA A 13 -4.27 4.66 -9.90
CA ALA A 13 -3.56 3.39 -9.83
C ALA A 13 -4.11 2.49 -8.72
N THR A 14 -4.97 1.57 -9.13
CA THR A 14 -5.65 0.58 -8.33
C THR A 14 -5.73 -0.65 -9.26
N LYS A 15 -5.70 -1.88 -8.74
CA LYS A 15 -5.72 -3.06 -9.59
C LYS A 15 -6.27 -4.29 -8.88
N THR A 16 -6.67 -5.27 -9.69
CA THR A 16 -7.19 -6.57 -9.26
C THR A 16 -6.05 -7.58 -9.42
N CYS A 17 -5.22 -7.74 -8.40
CA CYS A 17 -4.10 -8.66 -8.43
C CYS A 17 -4.50 -10.01 -7.82
N VAL A 18 -3.78 -11.06 -8.18
CA VAL A 18 -4.00 -12.44 -7.76
C VAL A 18 -3.83 -12.71 -6.26
N GLU A 19 -2.96 -11.95 -5.59
CA GLU A 19 -2.53 -12.12 -4.22
C GLU A 19 -3.68 -12.21 -3.22
N ASN A 20 -3.32 -12.68 -2.04
CA ASN A 20 -4.18 -12.68 -0.87
C ASN A 20 -3.97 -11.39 -0.08
N THR A 21 -2.86 -10.67 -0.33
CA THR A 21 -2.47 -9.49 0.41
C THR A 21 -2.20 -8.28 -0.49
N CYS A 22 -2.45 -7.10 0.08
CA CYS A 22 -2.12 -5.81 -0.46
C CYS A 22 -1.17 -5.19 0.55
N TYR A 23 -0.34 -4.25 0.12
CA TYR A 23 0.50 -3.48 1.03
C TYR A 23 0.20 -2.01 0.92
N LYS A 24 0.61 -1.32 1.98
CA LYS A 24 0.54 0.11 2.16
C LYS A 24 1.92 0.56 2.66
N MET A 25 2.47 1.59 2.03
CA MET A 25 3.81 2.09 2.31
C MET A 25 3.77 3.57 2.75
N PHE A 26 4.60 3.91 3.74
CA PHE A 26 4.69 5.26 4.28
C PHE A 26 6.13 5.58 4.64
N ILE A 27 6.50 6.86 4.55
CA ILE A 27 7.82 7.29 4.99
C ILE A 27 7.83 7.07 6.51
N ARG A 28 8.86 6.42 7.03
CA ARG A 28 8.96 6.09 8.45
C ARG A 28 8.72 7.33 9.32
N THR A 29 9.40 8.43 8.95
CA THR A 29 9.32 9.72 9.62
C THR A 29 7.90 10.29 9.60
N HIS A 30 7.05 9.84 8.67
CA HIS A 30 5.67 10.28 8.52
C HIS A 30 4.78 9.04 8.45
N ARG A 31 4.89 8.16 9.45
CA ARG A 31 4.13 6.93 9.50
C ARG A 31 2.62 7.17 9.36
N GLU A 32 2.10 8.22 10.00
CA GLU A 32 0.68 8.56 9.94
C GLU A 32 0.35 9.29 8.62
N TYR A 33 0.85 8.76 7.49
CA TYR A 33 0.63 9.28 6.16
C TYR A 33 0.95 8.15 5.17
N ILE A 34 -0.08 7.55 4.58
CA ILE A 34 0.10 6.44 3.66
C ILE A 34 0.54 7.10 2.36
N SER A 35 1.84 6.98 2.08
CA SER A 35 2.51 7.67 1.00
C SER A 35 2.22 6.94 -0.32
N GLU A 36 2.52 5.64 -0.36
CA GLU A 36 2.34 4.78 -1.53
C GLU A 36 1.63 3.50 -1.11
N ARG A 37 1.27 2.65 -2.07
CA ARG A 37 0.59 1.38 -1.83
C ARG A 37 1.02 0.38 -2.89
N GLY A 38 0.53 -0.86 -2.77
CA GLY A 38 0.75 -1.84 -3.83
C GLY A 38 0.13 -3.20 -3.57
N CYS A 39 0.33 -4.09 -4.55
CA CYS A 39 -0.15 -5.45 -4.66
C CYS A 39 0.86 -6.46 -4.10
N GLY A 40 0.43 -7.42 -3.24
CA GLY A 40 1.28 -8.44 -2.65
C GLY A 40 2.33 -7.92 -1.68
N CYS A 41 2.14 -8.33 -0.44
CA CYS A 41 2.95 -8.03 0.74
C CYS A 41 4.47 -8.13 0.52
N PRO A 42 5.21 -7.00 0.50
CA PRO A 42 6.65 -6.94 0.32
C PRO A 42 7.31 -6.52 1.65
N THR A 43 8.44 -5.83 1.55
CA THR A 43 9.16 -5.23 2.66
C THR A 43 9.91 -4.04 2.07
N ALA A 44 10.34 -3.09 2.90
CA ALA A 44 11.07 -1.89 2.49
C ALA A 44 11.99 -1.48 3.63
N MET A 45 12.93 -0.57 3.35
CA MET A 45 13.91 -0.06 4.28
C MET A 45 13.81 1.46 4.35
N TRP A 46 14.44 2.03 5.39
CA TRP A 46 14.46 3.47 5.63
C TRP A 46 14.94 4.18 4.35
N PRO A 47 14.38 5.34 3.96
CA PRO A 47 13.42 6.15 4.69
C PRO A 47 11.98 5.59 4.71
N TYR A 48 11.69 4.54 3.95
CA TYR A 48 10.34 3.98 3.91
C TYR A 48 10.13 2.91 4.98
N GLN A 49 8.86 2.63 5.23
CA GLN A 49 8.38 1.54 6.06
C GLN A 49 7.08 1.11 5.37
N THR A 50 6.82 -0.19 5.35
CA THR A 50 5.67 -0.78 4.71
C THR A 50 5.03 -1.79 5.65
N GLU A 51 3.73 -1.96 5.48
CA GLU A 51 2.94 -2.96 6.20
C GLU A 51 1.91 -3.54 5.23
N CYS A 52 1.38 -4.71 5.57
CA CYS A 52 0.52 -5.50 4.72
C CYS A 52 -0.85 -5.73 5.34
N CYS A 53 -1.86 -6.00 4.51
CA CYS A 53 -3.22 -6.29 4.92
C CYS A 53 -3.82 -7.22 3.86
N LYS A 54 -4.87 -7.96 4.21
CA LYS A 54 -5.52 -8.92 3.33
C LYS A 54 -7.02 -8.60 3.23
N GLY A 55 -7.42 -7.89 2.18
CA GLY A 55 -8.81 -7.54 1.95
C GLY A 55 -8.91 -6.59 0.74
N ASP A 56 -10.08 -6.60 0.09
CA ASP A 56 -10.37 -5.76 -1.05
C ASP A 56 -10.14 -4.29 -0.65
N ARG A 57 -9.20 -3.64 -1.36
CA ARG A 57 -8.69 -2.30 -1.12
C ARG A 57 -8.46 -2.02 0.37
N CYS A 58 -8.00 -3.02 1.12
CA CYS A 58 -7.67 -2.84 2.54
C CYS A 58 -6.56 -1.80 2.69
N ASN A 59 -5.67 -1.74 1.71
CA ASN A 59 -4.54 -0.82 1.69
C ASN A 59 -4.99 0.57 1.23
N LYS A 60 -5.93 1.15 1.96
CA LYS A 60 -6.40 2.50 1.66
C LYS A 60 -5.31 3.51 2.01
N ARG A 1 -5.99 -10.40 -5.13
CA ARG A 1 -7.31 -9.77 -4.95
C ARG A 1 -7.21 -8.29 -5.32
N ILE A 2 -8.18 -7.47 -4.92
CA ILE A 2 -8.23 -6.05 -5.22
C ILE A 2 -7.30 -5.30 -4.28
N CYS A 3 -6.20 -4.75 -4.81
CA CYS A 3 -5.27 -3.93 -4.06
C CYS A 3 -5.32 -2.53 -4.64
N TYR A 4 -5.50 -1.51 -3.79
CA TYR A 4 -5.47 -0.16 -4.27
C TYR A 4 -4.01 0.22 -4.51
N SER A 5 -3.79 1.16 -5.45
CA SER A 5 -2.47 1.65 -5.82
C SER A 5 -2.48 3.18 -5.67
N HIS A 6 -1.55 3.82 -6.39
CA HIS A 6 -1.25 5.25 -6.49
C HIS A 6 -0.43 5.76 -5.32
N LYS A 7 -0.12 7.06 -5.38
CA LYS A 7 0.66 7.78 -4.39
C LYS A 7 -0.19 8.83 -3.68
N ALA A 8 0.12 9.12 -2.42
CA ALA A 8 -0.59 10.11 -1.61
C ALA A 8 -2.07 9.74 -1.47
N SER A 9 -2.93 10.75 -1.43
CA SER A 9 -4.38 10.64 -1.33
C SER A 9 -4.98 11.55 -2.39
N LEU A 10 -4.96 11.09 -3.65
CA LEU A 10 -5.43 11.79 -4.85
C LEU A 10 -6.27 10.79 -5.66
N PRO A 11 -6.75 11.11 -6.88
CA PRO A 11 -7.42 10.11 -7.69
C PRO A 11 -6.45 8.95 -7.91
N ARG A 12 -6.91 7.73 -7.64
CA ARG A 12 -6.05 6.55 -7.63
C ARG A 12 -6.38 5.53 -8.71
N ALA A 13 -5.54 4.50 -8.77
CA ALA A 13 -5.67 3.33 -9.62
C ALA A 13 -5.84 2.13 -8.70
N THR A 14 -6.51 1.08 -9.16
CA THR A 14 -6.80 -0.12 -8.40
C THR A 14 -6.35 -1.32 -9.23
N LYS A 15 -5.54 -2.23 -8.65
CA LYS A 15 -5.02 -3.38 -9.38
C LYS A 15 -5.59 -4.68 -8.81
N THR A 16 -6.20 -5.48 -9.69
CA THR A 16 -6.69 -6.80 -9.35
C THR A 16 -5.48 -7.73 -9.38
N CYS A 17 -4.73 -7.76 -8.28
CA CYS A 17 -3.54 -8.58 -8.16
C CYS A 17 -3.98 -10.01 -7.85
N VAL A 18 -3.03 -10.94 -7.68
CA VAL A 18 -3.33 -12.30 -7.32
C VAL A 18 -3.48 -12.39 -5.80
N GLU A 19 -2.43 -11.97 -5.10
CA GLU A 19 -2.26 -12.03 -3.66
C GLU A 19 -3.52 -11.69 -2.86
N ASN A 20 -3.72 -12.44 -1.78
CA ASN A 20 -4.78 -12.21 -0.81
C ASN A 20 -4.43 -10.98 0.04
N THR A 21 -3.16 -10.57 0.05
CA THR A 21 -2.69 -9.45 0.84
C THR A 21 -2.26 -8.31 -0.09
N CYS A 22 -2.26 -7.08 0.45
CA CYS A 22 -1.79 -5.90 -0.23
C CYS A 22 -1.02 -5.10 0.80
N TYR A 23 -0.06 -4.27 0.37
CA TYR A 23 0.65 -3.38 1.27
C TYR A 23 0.33 -1.94 0.98
N LYS A 24 0.55 -1.15 2.02
CA LYS A 24 0.45 0.29 2.03
C LYS A 24 1.80 0.79 2.56
N MET A 25 2.39 1.74 1.86
CA MET A 25 3.70 2.33 2.13
C MET A 25 3.55 3.76 2.65
N PHE A 26 4.34 4.08 3.68
CA PHE A 26 4.36 5.38 4.35
C PHE A 26 5.81 5.75 4.64
N ILE A 27 6.04 7.04 4.89
CA ILE A 27 7.36 7.51 5.30
C ILE A 27 7.46 7.18 6.79
N ARG A 28 8.61 6.69 7.25
CA ARG A 28 8.82 6.30 8.64
C ARG A 28 8.46 7.44 9.58
N THR A 29 8.92 8.64 9.23
CA THR A 29 8.67 9.87 9.96
C THR A 29 7.17 10.23 9.99
N HIS A 30 6.38 9.74 9.02
CA HIS A 30 4.97 10.06 8.87
C HIS A 30 4.18 8.77 8.59
N ARG A 31 4.12 7.87 9.58
CA ARG A 31 3.40 6.62 9.46
C ARG A 31 1.95 6.85 9.04
N GLU A 32 1.30 7.82 9.68
CA GLU A 32 -0.10 8.18 9.42
C GLU A 32 -0.22 9.00 8.13
N TYR A 33 0.35 8.51 7.03
CA TYR A 33 0.30 9.12 5.71
C TYR A 33 0.62 8.04 4.68
N ILE A 34 -0.38 7.61 3.92
CA ILE A 34 -0.17 6.57 2.92
C ILE A 34 0.49 7.26 1.73
N SER A 35 1.79 7.03 1.61
CA SER A 35 2.66 7.64 0.63
C SER A 35 2.50 6.93 -0.71
N GLU A 36 2.53 5.60 -0.70
CA GLU A 36 2.40 4.75 -1.88
C GLU A 36 1.74 3.44 -1.45
N ARG A 37 1.47 2.51 -2.37
CA ARG A 37 0.85 1.22 -2.10
C ARG A 37 1.43 0.16 -3.03
N GLY A 38 1.10 -1.10 -2.75
CA GLY A 38 1.52 -2.21 -3.59
C GLY A 38 0.77 -3.49 -3.24
N CYS A 39 1.04 -4.55 -4.00
CA CYS A 39 0.40 -5.85 -3.85
C CYS A 39 1.21 -6.75 -2.91
N GLY A 40 0.53 -7.62 -2.16
CA GLY A 40 1.16 -8.54 -1.23
C GLY A 40 1.51 -7.90 0.13
N CYS A 41 2.81 -7.78 0.39
CA CYS A 41 3.45 -7.39 1.65
C CYS A 41 4.80 -6.76 1.24
N PRO A 42 5.52 -6.06 2.13
CA PRO A 42 6.71 -5.22 1.98
C PRO A 42 7.64 -5.26 0.76
N THR A 43 8.27 -4.09 0.61
CA THR A 43 9.28 -3.66 -0.35
C THR A 43 9.75 -2.30 0.20
N ALA A 44 10.48 -1.50 -0.57
CA ALA A 44 10.97 -0.17 -0.18
C ALA A 44 12.07 -0.27 0.89
N MET A 45 12.66 0.87 1.23
CA MET A 45 13.72 1.02 2.20
C MET A 45 13.59 2.38 2.88
N TRP A 46 14.24 2.54 4.03
CA TRP A 46 14.30 3.78 4.81
C TRP A 46 14.66 4.94 3.85
N PRO A 47 14.00 6.10 3.92
CA PRO A 47 13.04 6.54 4.93
C PRO A 47 11.59 6.07 4.69
N TYR A 48 11.34 5.12 3.79
CA TYR A 48 10.01 4.57 3.58
C TYR A 48 9.89 3.21 4.24
N GLN A 49 8.65 2.83 4.57
CA GLN A 49 8.36 1.49 5.03
C GLN A 49 6.93 1.15 4.64
N THR A 50 6.76 -0.13 4.34
CA THR A 50 5.52 -0.78 4.02
C THR A 50 4.94 -1.51 5.23
N GLU A 51 3.62 -1.69 5.22
CA GLU A 51 2.88 -2.54 6.16
C GLU A 51 1.83 -3.25 5.32
N CYS A 52 1.55 -4.53 5.63
CA CYS A 52 0.65 -5.36 4.86
C CYS A 52 -0.76 -5.33 5.44
N CYS A 53 -1.71 -5.84 4.67
CA CYS A 53 -3.10 -6.01 5.08
C CYS A 53 -3.75 -7.03 4.14
N LYS A 54 -4.94 -7.49 4.50
CA LYS A 54 -5.77 -8.41 3.73
C LYS A 54 -7.16 -7.79 3.65
N GLY A 55 -7.92 -8.13 2.60
CA GLY A 55 -9.25 -7.63 2.34
C GLY A 55 -9.24 -6.75 1.08
N ASP A 56 -10.34 -6.72 0.33
CA ASP A 56 -10.45 -5.89 -0.85
C ASP A 56 -10.13 -4.46 -0.46
N ARG A 57 -9.28 -3.84 -1.27
CA ARG A 57 -8.81 -2.46 -1.08
C ARG A 57 -8.42 -2.15 0.37
N CYS A 58 -7.92 -3.13 1.14
CA CYS A 58 -7.52 -2.88 2.51
C CYS A 58 -6.43 -1.80 2.57
N ASN A 59 -5.55 -1.77 1.58
CA ASN A 59 -4.45 -0.82 1.48
C ASN A 59 -4.88 0.44 0.74
N LYS A 60 -5.97 1.09 1.17
CA LYS A 60 -6.38 2.33 0.52
C LYS A 60 -5.48 3.48 1.02
N ARG A 1 -6.01 -10.85 -4.97
CA ARG A 1 -6.95 -9.95 -4.28
C ARG A 1 -6.95 -8.58 -4.98
N ILE A 2 -7.98 -7.76 -4.75
CA ILE A 2 -7.99 -6.39 -5.30
C ILE A 2 -7.08 -5.58 -4.38
N CYS A 3 -6.14 -4.81 -4.93
CA CYS A 3 -5.23 -3.99 -4.14
C CYS A 3 -5.17 -2.61 -4.76
N TYR A 4 -5.15 -1.56 -3.94
CA TYR A 4 -4.98 -0.21 -4.43
C TYR A 4 -3.49 -0.06 -4.78
N SER A 5 -3.16 0.93 -5.61
CA SER A 5 -1.77 1.19 -5.98
C SER A 5 -1.55 2.66 -6.33
N HIS A 6 -2.33 3.57 -5.73
CA HIS A 6 -2.11 5.00 -5.96
C HIS A 6 -1.08 5.50 -4.97
N LYS A 7 -0.68 6.74 -5.18
CA LYS A 7 0.35 7.41 -4.41
C LYS A 7 -0.18 8.71 -3.80
N ALA A 8 0.39 9.10 -2.65
CA ALA A 8 -0.02 10.26 -1.88
C ALA A 8 -1.51 10.16 -1.54
N SER A 9 -2.17 11.30 -1.31
CA SER A 9 -3.59 11.41 -1.05
C SER A 9 -4.23 12.12 -2.24
N LEU A 10 -4.43 11.39 -3.35
CA LEU A 10 -4.97 11.89 -4.61
C LEU A 10 -6.09 10.92 -5.05
N PRO A 11 -6.64 11.00 -6.29
CA PRO A 11 -7.64 10.04 -6.71
C PRO A 11 -7.07 8.62 -6.66
N ARG A 12 -7.92 7.64 -6.38
CA ARG A 12 -7.48 6.26 -6.21
C ARG A 12 -7.14 5.60 -7.56
N ALA A 13 -6.39 4.50 -7.47
CA ALA A 13 -5.97 3.64 -8.56
C ALA A 13 -5.83 2.26 -7.93
N THR A 14 -6.20 1.19 -8.63
CA THR A 14 -6.18 -0.16 -8.09
C THR A 14 -5.97 -1.17 -9.20
N LYS A 15 -5.68 -2.41 -8.80
CA LYS A 15 -5.42 -3.54 -9.67
C LYS A 15 -5.96 -4.83 -9.03
N THR A 16 -6.34 -5.79 -9.88
CA THR A 16 -6.79 -7.11 -9.48
C THR A 16 -5.56 -8.01 -9.47
N CYS A 17 -4.90 -8.14 -8.32
CA CYS A 17 -3.69 -8.94 -8.21
C CYS A 17 -4.05 -10.37 -7.84
N VAL A 18 -3.04 -11.24 -7.77
CA VAL A 18 -3.20 -12.62 -7.37
C VAL A 18 -3.20 -12.69 -5.85
N GLU A 19 -2.12 -12.21 -5.22
CA GLU A 19 -1.88 -12.25 -3.79
C GLU A 19 -3.13 -11.95 -2.97
N ASN A 20 -3.26 -12.67 -1.87
CA ASN A 20 -4.34 -12.46 -0.91
C ASN A 20 -4.12 -11.15 -0.15
N THR A 21 -2.87 -10.69 -0.07
CA THR A 21 -2.47 -9.54 0.70
C THR A 21 -2.14 -8.35 -0.20
N CYS A 22 -2.15 -7.16 0.41
CA CYS A 22 -1.78 -5.92 -0.23
C CYS A 22 -1.07 -5.08 0.82
N TYR A 23 -0.15 -4.23 0.40
CA TYR A 23 0.54 -3.28 1.25
C TYR A 23 0.11 -1.85 1.01
N LYS A 24 0.42 -1.05 2.03
CA LYS A 24 0.35 0.39 2.00
C LYS A 24 1.72 0.85 2.53
N MET A 25 2.35 1.75 1.78
CA MET A 25 3.70 2.27 2.02
C MET A 25 3.64 3.74 2.40
N PHE A 26 4.43 4.13 3.40
CA PHE A 26 4.46 5.47 3.99
C PHE A 26 5.89 5.82 4.38
N ILE A 27 6.14 7.11 4.59
CA ILE A 27 7.44 7.56 5.08
C ILE A 27 7.48 7.18 6.56
N ARG A 28 8.56 6.52 6.97
CA ARG A 28 8.75 5.99 8.33
C ARG A 28 8.39 7.02 9.39
N THR A 29 9.00 8.19 9.29
CA THR A 29 8.84 9.28 10.23
C THR A 29 7.44 9.92 10.18
N HIS A 30 6.65 9.65 9.14
CA HIS A 30 5.33 10.23 8.95
C HIS A 30 4.38 9.10 8.53
N ARG A 31 4.36 8.04 9.34
CA ARG A 31 3.59 6.84 9.05
C ARG A 31 2.12 7.14 8.79
N GLU A 32 1.57 8.17 9.41
CA GLU A 32 0.17 8.60 9.29
C GLU A 32 -0.15 9.28 7.94
N TYR A 33 0.56 8.92 6.88
CA TYR A 33 0.38 9.42 5.54
C TYR A 33 0.84 8.35 4.55
N ILE A 34 -0.13 7.78 3.81
CA ILE A 34 0.19 6.73 2.85
C ILE A 34 0.75 7.41 1.61
N SER A 35 1.98 7.05 1.26
CA SER A 35 2.75 7.61 0.17
C SER A 35 2.61 6.78 -1.10
N GLU A 36 2.54 5.45 -0.98
CA GLU A 36 2.41 4.51 -2.10
C GLU A 36 1.59 3.31 -1.58
N ARG A 37 1.11 2.45 -2.47
CA ARG A 37 0.42 1.22 -2.13
C ARG A 37 0.77 0.17 -3.18
N GLY A 38 0.46 -1.10 -2.89
CA GLY A 38 0.69 -2.13 -3.89
C GLY A 38 0.25 -3.53 -3.47
N CYS A 39 0.38 -4.47 -4.40
CA CYS A 39 0.02 -5.87 -4.26
C CYS A 39 0.99 -6.61 -3.35
N GLY A 40 0.49 -7.61 -2.60
CA GLY A 40 1.32 -8.35 -1.66
C GLY A 40 1.91 -7.37 -0.65
N CYS A 41 3.13 -7.62 -0.17
CA CYS A 41 3.81 -6.79 0.81
C CYS A 41 5.33 -6.98 0.85
N PRO A 42 6.09 -6.17 0.09
CA PRO A 42 7.54 -6.20 0.13
C PRO A 42 8.04 -5.29 1.24
N THR A 43 9.34 -5.37 1.52
CA THR A 43 10.00 -4.55 2.50
C THR A 43 10.26 -3.15 1.92
N ALA A 44 10.51 -2.20 2.80
CA ALA A 44 10.83 -0.82 2.45
C ALA A 44 11.70 -0.26 3.58
N MET A 45 12.84 0.31 3.23
CA MET A 45 13.81 0.86 4.15
C MET A 45 13.68 2.37 4.21
N TRP A 46 14.18 2.96 5.30
CA TRP A 46 14.19 4.39 5.53
C TRP A 46 14.68 5.10 4.24
N PRO A 47 14.01 6.16 3.77
CA PRO A 47 12.94 6.90 4.41
C PRO A 47 11.58 6.21 4.46
N TYR A 48 11.33 5.13 3.71
CA TYR A 48 10.02 4.49 3.67
C TYR A 48 9.91 3.28 4.57
N GLN A 49 8.66 2.87 4.80
CA GLN A 49 8.28 1.63 5.44
C GLN A 49 6.93 1.25 4.85
N THR A 50 6.70 -0.06 4.82
CA THR A 50 5.52 -0.74 4.34
C THR A 50 4.80 -1.43 5.49
N GLU A 51 3.47 -1.52 5.40
CA GLU A 51 2.65 -2.29 6.31
C GLU A 51 1.62 -3.02 5.43
N CYS A 52 1.34 -4.28 5.77
CA CYS A 52 0.49 -5.16 4.98
C CYS A 52 -0.94 -5.19 5.52
N CYS A 53 -1.85 -5.73 4.72
CA CYS A 53 -3.24 -6.00 5.06
C CYS A 53 -3.76 -7.05 4.09
N LYS A 54 -4.91 -7.65 4.41
CA LYS A 54 -5.61 -8.64 3.62
C LYS A 54 -7.04 -8.13 3.44
N GLY A 55 -7.66 -8.45 2.32
CA GLY A 55 -9.03 -8.03 1.99
C GLY A 55 -9.02 -7.16 0.74
N ASP A 56 -10.14 -7.21 0.00
CA ASP A 56 -10.27 -6.50 -1.25
C ASP A 56 -10.16 -5.00 -0.98
N ARG A 57 -9.19 -4.39 -1.66
CA ARG A 57 -8.77 -3.00 -1.53
C ARG A 57 -8.57 -2.58 -0.07
N CYS A 58 -8.08 -3.50 0.78
CA CYS A 58 -7.84 -3.19 2.19
C CYS A 58 -6.80 -2.08 2.37
N ASN A 59 -5.85 -1.99 1.44
CA ASN A 59 -4.73 -1.07 1.51
C ASN A 59 -5.12 0.34 1.09
N LYS A 60 -6.07 0.93 1.81
CA LYS A 60 -6.49 2.30 1.57
C LYS A 60 -5.30 3.24 1.82
#